data_1PJS
#
_entry.id   1PJS
#
_cell.length_a   60.124
_cell.length_b   120.686
_cell.length_c   130.178
_cell.angle_alpha   90.00
_cell.angle_beta   90.00
_cell.angle_gamma   90.00
#
_symmetry.space_group_name_H-M   'P 21 21 21'
#
loop_
_entity.id
_entity.type
_entity.pdbx_description
1 polymer 'Siroheme synthase'
2 non-polymer S-ADENOSYL-L-HOMOCYSTEINE
3 non-polymer NICOTINAMIDE-ADENINE-DINUCLEOTIDE
4 non-polymer 'TRIETHYLENE GLYCOL'
5 non-polymer 'PHOSPHATE ION'
6 water water
#
_entity_poly.entity_id   1
_entity_poly.type   'polypeptide(L)'
_entity_poly.pdbx_seq_one_letter_code
;MDHLPIFCQLRDRDCLIVGGGDVAERKARLLLEAGARLTVNALTFIPQFTVWANEGMLTLVEGPFDETLLDSCWLAIAAT
DDDTVNQRVSDAAESRRIFCNVVDAPKAASFIMPSIIDRSPLMVAVS(SEP)GGTSPVLARLLREKLESLLPQHLGQVAR
YAGQLRARVKKQFATMGERRRFWEKFFVNDRLAQSLANADEKAVNATTERLFSEPLDHRGEVVLVGAGPGDAGLLTLKGL
QQIQQADIVVYDRLVSDDIMNLVRRDADRVFVGKRAGYHCVPQEEINQILLREAQKGKRVVRLKGGDPFIFGRGGEELET
LCHAGIPFSVVPGITAASGCSAYSGIPLTHRDYAQSVRLVTGHLKTGGELDWENLAAEKQTLVFYMGLNQAATIQEKLIA
FGMQADMPVALVENGTSVKQRVVHGVLTQLGELAQQVESPALIIVGRVVALRDKLNWFSNH
;
_entity_poly.pdbx_strand_id   A,B
#
loop_
_chem_comp.id
_chem_comp.type
_chem_comp.name
_chem_comp.formula
NAD non-polymer NICOTINAMIDE-ADENINE-DINUCLEOTIDE 'C21 H27 N7 O14 P2'
PGE non-polymer 'TRIETHYLENE GLYCOL' 'C6 H14 O4'
PO4 non-polymer 'PHOSPHATE ION' 'O4 P -3'
SAH non-polymer S-ADENOSYL-L-HOMOCYSTEINE 'C14 H20 N6 O5 S'
#
# COMPACT_ATOMS: atom_id res chain seq x y z
N MET A 1 4.95 8.91 -13.78
CA MET A 1 4.46 10.15 -13.10
C MET A 1 4.61 11.29 -14.08
N ASP A 2 3.69 12.24 -14.09
CA ASP A 2 3.83 13.34 -15.04
C ASP A 2 4.70 14.49 -14.53
N HIS A 3 5.18 14.36 -13.30
CA HIS A 3 6.06 15.37 -12.70
C HIS A 3 7.02 14.73 -11.69
N LEU A 4 8.21 15.31 -11.56
CA LEU A 4 9.19 14.82 -10.62
C LEU A 4 9.44 15.89 -9.56
N PRO A 5 9.06 15.62 -8.31
CA PRO A 5 9.28 16.64 -7.27
C PRO A 5 10.71 16.70 -6.75
N ILE A 6 11.22 17.92 -6.61
CA ILE A 6 12.54 18.12 -6.07
C ILE A 6 12.53 19.28 -5.09
N PHE A 7 13.43 19.20 -4.11
CA PHE A 7 13.54 20.25 -3.10
C PHE A 7 14.82 21.02 -3.37
N CYS A 8 14.64 22.21 -3.93
CA CYS A 8 15.76 23.07 -4.29
C CYS A 8 16.27 23.93 -3.14
N GLN A 9 17.59 24.10 -3.11
CA GLN A 9 18.23 24.95 -2.13
C GLN A 9 18.42 26.26 -2.90
N LEU A 10 17.72 27.30 -2.48
CA LEU A 10 17.76 28.57 -3.18
C LEU A 10 18.62 29.65 -2.54
N ARG A 11 19.34 29.30 -1.48
CA ARG A 11 20.18 30.28 -0.79
C ARG A 11 21.24 30.84 -1.72
N ASP A 12 21.25 32.16 -1.85
CA ASP A 12 22.19 32.86 -2.70
C ASP A 12 22.14 32.50 -4.16
N ARG A 13 20.99 31.99 -4.60
CA ARG A 13 20.82 31.66 -6.01
C ARG A 13 19.79 32.61 -6.58
N ASP A 14 20.15 33.28 -7.66
CA ASP A 14 19.26 34.24 -8.29
C ASP A 14 17.99 33.61 -8.82
N CYS A 15 16.88 34.33 -8.68
CA CYS A 15 15.58 33.89 -9.14
C CYS A 15 14.85 35.11 -9.68
N LEU A 16 13.94 34.89 -10.62
CA LEU A 16 13.22 36.00 -11.21
C LEU A 16 11.72 35.85 -11.22
N ILE A 17 11.04 36.87 -10.73
CA ILE A 17 9.60 36.86 -10.78
C ILE A 17 9.26 38.06 -11.67
N VAL A 18 8.46 37.81 -12.69
CA VAL A 18 8.05 38.86 -13.60
C VAL A 18 6.59 39.11 -13.25
N GLY A 19 6.31 40.32 -12.79
CA GLY A 19 4.97 40.68 -12.38
C GLY A 19 5.07 41.22 -10.97
N GLY A 20 4.13 42.08 -10.56
CA GLY A 20 4.20 42.63 -9.22
C GLY A 20 2.87 42.88 -8.55
N GLY A 21 1.92 41.98 -8.77
CA GLY A 21 0.61 42.13 -8.16
C GLY A 21 0.41 41.12 -7.04
N ASP A 22 -0.86 40.83 -6.73
CA ASP A 22 -1.21 39.88 -5.68
C ASP A 22 -0.68 38.46 -5.91
N VAL A 23 -0.81 37.95 -7.14
CA VAL A 23 -0.31 36.61 -7.44
C VAL A 23 1.21 36.60 -7.28
N ALA A 24 1.88 37.57 -7.89
CA ALA A 24 3.32 37.67 -7.80
C ALA A 24 3.79 37.75 -6.34
N GLU A 25 3.05 38.48 -5.51
CA GLU A 25 3.43 38.64 -4.11
C GLU A 25 3.54 37.35 -3.31
N ARG A 26 2.55 36.46 -3.40
CA ARG A 26 2.63 35.22 -2.64
C ARG A 26 3.78 34.36 -3.12
N LYS A 27 4.04 34.33 -4.42
CA LYS A 27 5.15 33.55 -4.93
C LYS A 27 6.45 34.11 -4.40
N ALA A 28 6.58 35.44 -4.42
CA ALA A 28 7.78 36.11 -3.93
C ALA A 28 7.98 35.81 -2.44
N ARG A 29 6.87 35.64 -1.73
CA ARG A 29 6.93 35.35 -0.31
C ARG A 29 7.63 34.02 -0.07
N LEU A 30 7.33 33.01 -0.88
CA LEU A 30 7.98 31.72 -0.74
C LEU A 30 9.44 31.77 -1.15
N LEU A 31 9.72 32.37 -2.30
CA LEU A 31 11.10 32.44 -2.71
C LEU A 31 11.95 33.11 -1.63
N LEU A 32 11.42 34.18 -1.02
CA LEU A 32 12.14 34.88 0.04
C LEU A 32 12.32 34.00 1.29
N GLU A 33 11.29 33.28 1.69
CA GLU A 33 11.40 32.41 2.86
C GLU A 33 12.37 31.27 2.59
N ALA A 34 12.56 30.96 1.31
CA ALA A 34 13.48 29.90 0.94
C ALA A 34 14.87 30.49 0.86
N GLY A 35 14.96 31.81 1.09
CA GLY A 35 16.24 32.49 1.07
C GLY A 35 16.88 32.78 -0.28
N ALA A 36 16.08 32.95 -1.32
CA ALA A 36 16.62 33.22 -2.66
C ALA A 36 17.07 34.66 -2.85
N ARG A 37 18.01 34.87 -3.75
CA ARG A 37 18.47 36.21 -4.07
C ARG A 37 17.48 36.56 -5.22
N LEU A 38 16.42 37.29 -4.87
CA LEU A 38 15.33 37.65 -5.80
C LEU A 38 15.36 38.99 -6.55
N THR A 39 14.78 38.97 -7.75
CA THR A 39 14.65 40.16 -8.57
C THR A 39 13.22 40.12 -9.10
N VAL A 40 12.51 41.24 -9.01
CA VAL A 40 11.13 41.33 -9.48
C VAL A 40 11.02 42.41 -10.56
N ASN A 41 10.59 41.98 -11.75
CA ASN A 41 10.45 42.87 -12.89
C ASN A 41 8.94 43.06 -13.10
N ALA A 42 8.48 44.30 -13.01
CA ALA A 42 7.06 44.60 -13.18
C ALA A 42 6.77 46.05 -13.60
N LEU A 43 5.72 46.22 -14.40
CA LEU A 43 5.29 47.53 -14.88
C LEU A 43 4.87 48.37 -13.68
N THR A 44 4.11 47.76 -12.77
CA THR A 44 3.65 48.43 -11.55
C THR A 44 3.93 47.51 -10.37
N PHE A 45 3.97 48.07 -9.17
CA PHE A 45 4.25 47.27 -7.97
C PHE A 45 3.29 47.60 -6.82
N ILE A 46 2.83 46.57 -6.11
CA ILE A 46 1.93 46.84 -4.99
C ILE A 46 2.84 47.15 -3.79
N PRO A 47 2.29 47.78 -2.74
CA PRO A 47 2.98 48.17 -1.52
C PRO A 47 4.02 47.22 -0.90
N GLN A 48 3.67 45.95 -0.66
CA GLN A 48 4.61 45.03 -0.05
C GLN A 48 5.95 44.91 -0.78
N PHE A 49 5.95 45.01 -2.11
CA PHE A 49 7.21 44.90 -2.85
C PHE A 49 8.14 46.04 -2.48
N THR A 50 7.57 47.23 -2.35
CA THR A 50 8.34 48.39 -1.96
C THR A 50 8.88 48.15 -0.56
N VAL A 51 8.03 47.63 0.33
CA VAL A 51 8.44 47.35 1.70
C VAL A 51 9.64 46.42 1.68
N TRP A 52 9.56 45.35 0.90
CA TRP A 52 10.67 44.41 0.81
C TRP A 52 11.89 45.10 0.21
N ALA A 53 11.64 46.05 -0.69
CA ALA A 53 12.72 46.78 -1.35
C ALA A 53 13.63 47.61 -0.42
N ASN A 54 13.09 48.15 0.67
CA ASN A 54 13.95 48.97 1.55
C ASN A 54 14.53 48.26 2.77
N GLU A 55 14.29 46.97 2.88
CA GLU A 55 14.85 46.17 3.98
C GLU A 55 15.98 45.38 3.31
N GLY A 56 16.08 45.56 1.99
CA GLY A 56 17.11 44.91 1.20
C GLY A 56 16.89 43.43 1.05
N MET A 57 15.63 42.99 1.02
CA MET A 57 15.34 41.57 0.87
C MET A 57 15.21 41.18 -0.60
N LEU A 58 15.24 42.17 -1.48
CA LEU A 58 15.14 41.94 -2.91
C LEU A 58 15.45 43.17 -3.75
N THR A 59 15.45 42.97 -5.06
CA THR A 59 15.72 44.03 -6.02
C THR A 59 14.53 44.21 -6.95
N LEU A 60 14.21 45.46 -7.27
CA LEU A 60 13.08 45.73 -8.16
C LEU A 60 13.51 46.37 -9.47
N VAL A 61 12.92 45.90 -10.56
CA VAL A 61 13.20 46.42 -11.90
C VAL A 61 11.86 46.87 -12.46
N GLU A 62 11.69 48.18 -12.57
CA GLU A 62 10.47 48.77 -13.05
C GLU A 62 10.46 48.92 -14.56
N GLY A 63 9.40 48.44 -15.20
CA GLY A 63 9.33 48.53 -16.64
C GLY A 63 8.96 47.20 -17.28
N PRO A 64 8.95 47.14 -18.62
CA PRO A 64 8.61 45.91 -19.35
C PRO A 64 9.58 44.76 -19.11
N PHE A 65 9.18 43.57 -19.53
CA PHE A 65 10.01 42.38 -19.35
C PHE A 65 11.32 42.49 -20.10
N ASP A 66 12.42 42.24 -19.40
CA ASP A 66 13.74 42.26 -19.99
C ASP A 66 14.27 40.82 -19.97
N GLU A 67 14.44 40.25 -21.17
CA GLU A 67 14.91 38.87 -21.35
C GLU A 67 16.24 38.57 -20.67
N THR A 68 17.10 39.58 -20.54
CA THR A 68 18.41 39.39 -19.94
C THR A 68 18.41 39.31 -18.42
N LEU A 69 17.31 39.68 -17.78
CA LEU A 69 17.28 39.59 -16.32
C LEU A 69 17.28 38.11 -15.90
N LEU A 70 17.11 37.22 -16.88
CA LEU A 70 17.10 35.77 -16.66
C LEU A 70 18.48 35.12 -16.76
N ASP A 71 19.46 35.86 -17.28
CA ASP A 71 20.80 35.32 -17.50
C ASP A 71 21.62 34.78 -16.33
N SER A 72 21.18 35.02 -15.10
CA SER A 72 21.93 34.54 -13.96
C SER A 72 21.04 33.70 -13.05
N CYS A 73 19.81 33.49 -13.48
CA CYS A 73 18.82 32.78 -12.69
C CYS A 73 18.75 31.26 -12.74
N TRP A 74 18.19 30.72 -11.65
CA TRP A 74 18.02 29.28 -11.50
C TRP A 74 16.54 28.95 -11.62
N LEU A 75 15.69 29.95 -11.38
CA LEU A 75 14.24 29.78 -11.46
C LEU A 75 13.55 31.06 -11.96
N ALA A 76 12.53 30.88 -12.80
CA ALA A 76 11.76 31.99 -13.33
C ALA A 76 10.28 31.72 -13.09
N ILE A 77 9.56 32.74 -12.61
CA ILE A 77 8.14 32.62 -12.35
C ILE A 77 7.44 33.77 -13.06
N ALA A 78 6.43 33.42 -13.84
CA ALA A 78 5.68 34.41 -14.60
C ALA A 78 4.34 34.63 -13.92
N ALA A 79 4.12 35.84 -13.42
CA ALA A 79 2.87 36.16 -12.74
C ALA A 79 2.32 37.52 -13.17
N THR A 80 2.25 37.77 -14.47
CA THR A 80 1.69 39.03 -14.95
C THR A 80 0.22 38.75 -15.27
N ASP A 81 -0.51 39.81 -15.61
CA ASP A 81 -1.93 39.70 -15.96
C ASP A 81 -2.07 39.62 -17.47
N ASP A 82 -0.92 39.53 -18.13
CA ASP A 82 -0.84 39.48 -19.58
C ASP A 82 -0.38 38.09 -20.06
N ASP A 83 -1.30 37.29 -20.57
CA ASP A 83 -0.95 35.95 -21.04
C ASP A 83 0.18 35.98 -22.08
N THR A 84 0.29 37.08 -22.83
CA THR A 84 1.33 37.18 -23.83
C THR A 84 2.74 37.41 -23.25
N VAL A 85 2.83 38.16 -22.16
CA VAL A 85 4.13 38.44 -21.52
C VAL A 85 4.62 37.23 -20.77
N ASN A 86 3.70 36.46 -20.21
CA ASN A 86 4.09 35.27 -19.47
C ASN A 86 4.78 34.25 -20.38
N GLN A 87 4.28 34.06 -21.60
CA GLN A 87 4.96 33.09 -22.45
C GLN A 87 6.26 33.61 -23.05
N ARG A 88 6.40 34.93 -23.16
CA ARG A 88 7.66 35.52 -23.65
C ARG A 88 8.66 35.20 -22.53
N VAL A 89 8.16 35.20 -21.30
CA VAL A 89 9.01 34.89 -20.15
C VAL A 89 9.39 33.41 -20.20
N SER A 90 8.40 32.54 -20.35
CA SER A 90 8.70 31.10 -20.40
C SER A 90 9.52 30.70 -21.64
N ASP A 91 9.46 31.48 -22.72
CA ASP A 91 10.27 31.13 -23.90
C ASP A 91 11.71 31.55 -23.65
N ALA A 92 11.87 32.62 -22.89
CA ALA A 92 13.21 33.12 -22.56
C ALA A 92 13.84 32.15 -21.54
N ALA A 93 13.02 31.62 -20.63
CA ALA A 93 13.50 30.69 -19.61
C ALA A 93 13.92 29.35 -20.24
N GLU A 94 13.07 28.86 -21.13
CA GLU A 94 13.28 27.59 -21.83
C GLU A 94 14.54 27.58 -22.71
N SER A 95 14.79 28.69 -23.38
CA SER A 95 15.95 28.78 -24.26
C SER A 95 17.24 28.76 -23.43
N ARG A 96 17.12 29.02 -22.14
CA ARG A 96 18.30 29.03 -21.26
C ARG A 96 18.28 27.83 -20.30
N ARG A 97 17.35 26.92 -20.52
CA ARG A 97 17.19 25.74 -19.68
C ARG A 97 17.00 26.11 -18.22
N ILE A 98 16.11 27.05 -17.96
CA ILE A 98 15.81 27.49 -16.60
C ILE A 98 14.38 27.03 -16.29
N PHE A 99 14.22 26.22 -15.24
CA PHE A 99 12.87 25.77 -14.90
C PHE A 99 12.03 27.00 -14.66
N CYS A 100 10.82 26.98 -15.24
CA CYS A 100 9.92 28.13 -15.17
C CYS A 100 8.46 27.75 -14.90
N ASN A 101 7.76 28.60 -14.16
CA ASN A 101 6.36 28.36 -13.89
C ASN A 101 5.51 29.56 -14.30
N VAL A 102 4.40 29.30 -14.97
CA VAL A 102 3.45 30.34 -15.36
C VAL A 102 2.26 30.05 -14.44
N VAL A 103 2.03 30.94 -13.47
CA VAL A 103 0.97 30.77 -12.49
C VAL A 103 -0.44 30.38 -12.90
N ASP A 104 -1.01 31.02 -13.93
CA ASP A 104 -2.37 30.66 -14.34
C ASP A 104 -2.39 29.75 -15.56
N ALA A 105 -1.25 29.12 -15.84
CA ALA A 105 -1.12 28.21 -16.96
C ALA A 105 -0.18 27.08 -16.53
N PRO A 106 -0.70 26.12 -15.76
CA PRO A 106 0.06 24.96 -15.24
C PRO A 106 0.48 23.92 -16.27
N LYS A 107 -0.26 23.84 -17.37
CA LYS A 107 0.05 22.88 -18.43
C LYS A 107 1.21 23.42 -19.24
N ALA A 108 1.56 24.67 -18.99
CA ALA A 108 2.64 25.31 -19.73
C ALA A 108 3.97 25.41 -18.98
N ALA A 109 5.01 25.79 -19.71
CA ALA A 109 6.34 25.95 -19.13
C ALA A 109 6.87 24.65 -18.55
N SER A 110 7.77 24.73 -17.57
CA SER A 110 8.41 23.53 -17.02
C SER A 110 8.22 23.08 -15.56
N PHE A 111 7.59 23.87 -14.71
CA PHE A 111 7.38 23.39 -13.35
C PHE A 111 6.18 24.03 -12.68
N ILE A 112 5.54 23.28 -11.80
CA ILE A 112 4.39 23.77 -11.06
C ILE A 112 4.75 23.89 -9.60
N MET A 113 4.28 24.96 -8.98
CA MET A 113 4.50 25.21 -7.57
C MET A 113 3.43 24.42 -6.80
N PRO A 114 3.86 23.48 -5.96
CA PRO A 114 2.89 22.69 -5.19
C PRO A 114 2.46 23.40 -3.90
N SER A 115 1.40 22.91 -3.27
CA SER A 115 0.94 23.49 -2.01
C SER A 115 1.95 22.92 -1.00
N ILE A 116 2.34 23.73 -0.02
CA ILE A 116 3.31 23.29 0.97
C ILE A 116 2.81 23.18 2.39
N ILE A 117 3.29 22.16 3.11
CA ILE A 117 2.94 21.98 4.51
C ILE A 117 4.28 22.03 5.22
N ASP A 118 4.47 23.12 5.95
CA ASP A 118 5.72 23.44 6.64
C ASP A 118 5.91 22.93 8.07
N ARG A 119 6.94 22.14 8.28
CA ARG A 119 7.31 21.61 9.59
C ARG A 119 8.84 21.53 9.59
N SER A 120 9.46 22.59 9.09
CA SER A 120 10.92 22.68 8.99
C SER A 120 11.64 22.07 10.19
N PRO A 121 12.70 21.30 9.91
CA PRO A 121 13.22 21.02 8.56
C PRO A 121 12.40 20.02 7.74
N LEU A 122 11.38 19.43 8.36
CA LEU A 122 10.51 18.47 7.67
C LEU A 122 9.51 19.18 6.74
N MET A 123 9.38 18.73 5.50
CA MET A 123 8.44 19.37 4.59
C MET A 123 7.68 18.43 3.66
N VAL A 124 6.40 18.73 3.45
CA VAL A 124 5.55 17.92 2.58
C VAL A 124 4.96 18.81 1.48
N ALA A 125 4.98 18.30 0.25
CA ALA A 125 4.44 19.03 -0.89
C ALA A 125 3.37 18.21 -1.61
N VAL A 126 2.31 18.87 -2.06
CA VAL A 126 1.23 18.16 -2.76
C VAL A 126 0.78 18.92 -4.02
N SER A 127 0.54 18.18 -5.10
CA SER A 127 0.10 18.77 -6.36
C SER A 127 -0.63 17.76 -7.24
N SEP A 128 -1.53 18.29 -8.18
CA SEP A 128 -2.31 17.75 -9.09
CB SEP A 128 -3.70 18.36 -8.91
OG SEP A 128 -3.76 19.98 -8.66
C SEP A 128 -1.85 18.01 -10.51
O SEP A 128 -2.33 17.38 -11.46
P SEP A 128 -2.76 21.35 -8.31
O1P SEP A 128 -3.83 22.48 -8.25
O2P SEP A 128 -1.81 21.48 -9.47
O3P SEP A 128 -2.23 20.83 -6.97
N GLY A 129 -0.90 18.96 -10.69
CA GLY A 129 -0.40 19.29 -12.01
C GLY A 129 -1.36 20.24 -12.66
N GLY A 130 -2.36 20.65 -11.89
CA GLY A 130 -3.38 21.57 -12.37
C GLY A 130 -4.65 20.84 -12.75
N THR A 131 -4.57 19.51 -12.74
CA THR A 131 -5.69 18.66 -13.11
C THR A 131 -6.89 18.69 -12.15
N SER A 132 -6.60 18.81 -10.86
CA SER A 132 -7.66 18.86 -9.85
C SER A 132 -7.27 19.75 -8.68
N PRO A 133 -7.05 21.05 -8.94
CA PRO A 133 -6.66 21.95 -7.85
C PRO A 133 -7.44 21.84 -6.55
N VAL A 134 -8.72 21.48 -6.63
CA VAL A 134 -9.52 21.33 -5.43
C VAL A 134 -9.04 20.12 -4.62
N LEU A 135 -8.67 19.05 -5.33
CA LEU A 135 -8.17 17.83 -4.69
C LEU A 135 -6.88 18.10 -3.89
N ALA A 136 -5.99 18.93 -4.44
CA ALA A 136 -4.74 19.26 -3.78
C ALA A 136 -4.96 20.18 -2.58
N ARG A 137 -5.98 21.03 -2.66
CA ARG A 137 -6.28 21.95 -1.57
C ARG A 137 -6.94 21.17 -0.43
N LEU A 138 -7.74 20.18 -0.79
CA LEU A 138 -8.41 19.34 0.20
C LEU A 138 -7.37 18.48 0.91
N LEU A 139 -6.38 18.00 0.16
CA LEU A 139 -5.35 17.16 0.75
C LEU A 139 -4.46 17.98 1.68
N ARG A 140 -4.17 19.21 1.26
CA ARG A 140 -3.33 20.10 2.05
C ARG A 140 -3.96 20.34 3.42
N GLU A 141 -5.26 20.58 3.45
CA GLU A 141 -5.96 20.80 4.71
C GLU A 141 -5.78 19.58 5.62
N LYS A 142 -6.12 18.40 5.08
CA LYS A 142 -6.01 17.15 5.84
C LYS A 142 -4.61 16.91 6.36
N LEU A 143 -3.62 17.15 5.52
CA LEU A 143 -2.22 16.96 5.89
C LEU A 143 -1.79 17.99 6.93
N GLU A 144 -2.37 19.18 6.90
CA GLU A 144 -2.02 20.21 7.87
C GLU A 144 -2.46 19.76 9.25
N SER A 145 -3.49 18.93 9.29
CA SER A 145 -4.00 18.43 10.54
C SER A 145 -3.33 17.13 10.98
N LEU A 146 -3.10 16.23 10.03
CA LEU A 146 -2.48 14.95 10.33
C LEU A 146 -1.05 15.06 10.87
N LEU A 147 -0.31 16.05 10.37
CA LEU A 147 1.07 16.25 10.79
C LEU A 147 1.23 17.13 12.02
N PRO A 148 1.75 16.56 13.12
CA PRO A 148 1.95 17.32 14.36
C PRO A 148 2.65 18.63 14.05
N GLN A 149 2.44 19.63 14.89
CA GLN A 149 3.05 20.94 14.71
C GLN A 149 4.56 20.94 14.97
N HIS A 150 4.96 20.26 16.03
CA HIS A 150 6.35 20.22 16.46
C HIS A 150 7.19 19.11 15.87
N LEU A 151 6.72 18.51 14.78
CA LEU A 151 7.45 17.42 14.15
C LEU A 151 8.83 17.88 13.70
N GLY A 152 8.96 19.16 13.37
CA GLY A 152 10.25 19.67 12.93
C GLY A 152 11.31 19.59 14.01
N GLN A 153 10.89 19.72 15.27
CA GLN A 153 11.80 19.65 16.40
C GLN A 153 12.46 18.27 16.46
N VAL A 154 11.65 17.23 16.42
CA VAL A 154 12.14 15.86 16.47
C VAL A 154 13.13 15.62 15.34
N ALA A 155 12.78 16.12 14.15
CA ALA A 155 13.60 15.96 12.95
C ALA A 155 14.91 16.72 13.06
N ARG A 156 14.85 17.92 13.63
CA ARG A 156 16.05 18.74 13.77
C ARG A 156 17.01 18.06 14.76
N TYR A 157 16.45 17.50 15.83
CA TYR A 157 17.23 16.80 16.83
C TYR A 157 17.82 15.52 16.25
N ALA A 158 17.05 14.82 15.41
CA ALA A 158 17.54 13.57 14.81
C ALA A 158 18.82 13.83 14.03
N GLY A 159 18.85 14.92 13.27
CA GLY A 159 20.02 15.25 12.50
C GLY A 159 21.22 15.51 13.38
N GLN A 160 21.00 16.22 14.46
CA GLN A 160 22.08 16.54 15.39
C GLN A 160 22.71 15.31 16.04
N LEU A 161 21.92 14.26 16.30
CA LEU A 161 22.43 13.06 16.93
C LEU A 161 23.07 12.11 15.95
N ARG A 162 22.91 12.39 14.66
CA ARG A 162 23.45 11.52 13.64
C ARG A 162 24.91 11.13 13.86
N ALA A 163 25.75 12.13 14.10
CA ALA A 163 27.18 11.89 14.32
C ALA A 163 27.47 10.95 15.49
N ARG A 164 26.79 11.15 16.62
CA ARG A 164 27.01 10.31 17.79
C ARG A 164 26.49 8.90 17.56
N VAL A 165 25.32 8.80 16.93
CA VAL A 165 24.70 7.51 16.65
C VAL A 165 25.65 6.57 15.92
N LYS A 166 26.30 7.08 14.88
CA LYS A 166 27.22 6.28 14.08
C LYS A 166 28.46 5.87 14.87
N LYS A 167 28.95 6.77 15.72
CA LYS A 167 30.12 6.48 16.52
C LYS A 167 29.79 5.86 17.88
N GLN A 168 28.71 5.09 17.94
CA GLN A 168 28.31 4.43 19.17
C GLN A 168 27.80 3.07 18.80
N PHE A 169 27.24 2.98 17.59
CA PHE A 169 26.72 1.72 17.11
C PHE A 169 27.46 1.37 15.83
N ALA A 170 27.96 0.13 15.78
CA ALA A 170 28.75 -0.36 14.65
C ALA A 170 28.04 -0.69 13.34
N THR A 171 26.95 -1.47 13.42
CA THR A 171 26.21 -1.93 12.25
C THR A 171 25.21 -0.97 11.62
N MET A 172 24.37 -1.51 10.73
CA MET A 172 23.36 -0.73 10.04
C MET A 172 22.02 -0.85 10.78
N GLY A 173 21.86 -1.97 11.48
CA GLY A 173 20.61 -2.21 12.18
C GLY A 173 20.45 -1.83 13.65
N GLU A 174 21.54 -1.48 14.32
CA GLU A 174 21.40 -1.09 15.72
C GLU A 174 20.98 0.36 15.64
N ARG A 175 21.36 0.98 14.53
CA ARG A 175 21.06 2.37 14.27
C ARG A 175 19.67 2.49 13.68
N ARG A 176 19.20 1.42 13.05
CA ARG A 176 17.86 1.42 12.48
C ARG A 176 16.92 1.20 13.66
N ARG A 177 17.39 0.43 14.64
CA ARG A 177 16.62 0.15 15.85
C ARG A 177 16.68 1.37 16.76
N PHE A 178 17.81 2.06 16.73
CA PHE A 178 17.97 3.27 17.54
C PHE A 178 16.87 4.22 17.08
N TRP A 179 16.81 4.47 15.78
CA TRP A 179 15.83 5.37 15.19
C TRP A 179 14.39 4.93 15.41
N GLU A 180 14.13 3.64 15.31
CA GLU A 180 12.78 3.14 15.54
C GLU A 180 12.37 3.47 16.97
N LYS A 181 13.30 3.35 17.92
CA LYS A 181 13.02 3.67 19.31
C LYS A 181 12.90 5.18 19.47
N PHE A 182 13.80 5.89 18.79
CA PHE A 182 13.83 7.34 18.81
C PHE A 182 12.47 7.94 18.41
N PHE A 183 12.06 7.65 17.18
CA PHE A 183 10.80 8.18 16.64
C PHE A 183 9.51 7.59 17.23
N VAL A 184 9.62 6.80 18.30
CA VAL A 184 8.43 6.20 18.90
C VAL A 184 8.27 6.69 20.34
N ASN A 185 9.31 7.35 20.84
CA ASN A 185 9.35 7.89 22.21
C ASN A 185 8.54 9.18 22.36
N ASP A 186 7.33 9.07 22.91
CA ASP A 186 6.47 10.24 23.09
C ASP A 186 6.91 11.15 24.23
N ARG A 187 7.83 10.65 25.05
CA ARG A 187 8.32 11.47 26.14
C ARG A 187 9.34 12.41 25.56
N LEU A 188 10.20 11.86 24.71
CA LEU A 188 11.26 12.62 24.06
C LEU A 188 10.63 13.72 23.20
N ALA A 189 9.53 13.39 22.52
CA ALA A 189 8.82 14.33 21.67
C ALA A 189 8.21 15.45 22.51
N GLN A 190 7.41 15.08 23.51
CA GLN A 190 6.78 16.05 24.39
C GLN A 190 7.86 16.93 25.03
N SER A 191 8.96 16.32 25.42
CA SER A 191 10.07 17.05 26.05
C SER A 191 10.69 18.11 25.15
N LEU A 192 10.85 17.80 23.86
CA LEU A 192 11.42 18.77 22.93
C LEU A 192 10.47 19.97 22.82
N ALA A 193 9.17 19.67 22.76
CA ALA A 193 8.12 20.68 22.64
C ALA A 193 8.11 21.72 23.76
N ASN A 194 8.42 21.29 24.98
CA ASN A 194 8.51 22.17 26.16
C ASN A 194 9.99 21.97 26.33
N ALA A 195 10.78 22.93 25.88
CA ALA A 195 12.23 22.73 25.86
C ALA A 195 12.96 22.33 27.10
N ASP A 196 12.59 21.14 27.55
CA ASP A 196 13.16 20.57 28.72
C ASP A 196 14.37 19.73 28.44
N GLU A 197 15.50 20.42 28.42
CA GLU A 197 16.76 19.77 28.16
C GLU A 197 17.14 18.72 29.20
N LYS A 198 16.52 18.76 30.38
CA LYS A 198 16.82 17.75 31.40
C LYS A 198 16.22 16.44 30.96
N ALA A 199 14.96 16.48 30.55
CA ALA A 199 14.24 15.30 30.10
C ALA A 199 14.73 14.82 28.73
N VAL A 200 15.14 15.74 27.88
CA VAL A 200 15.64 15.36 26.57
C VAL A 200 16.97 14.64 26.69
N ASN A 201 17.86 15.16 27.54
CA ASN A 201 19.16 14.53 27.73
C ASN A 201 19.06 13.18 28.43
N ALA A 202 18.26 13.14 29.50
CA ALA A 202 18.07 11.92 30.27
C ALA A 202 17.63 10.78 29.36
N THR A 203 16.55 11.01 28.62
CA THR A 203 16.01 10.01 27.70
C THR A 203 17.04 9.70 26.63
N THR A 204 17.72 10.73 26.13
CA THR A 204 18.73 10.53 25.10
C THR A 204 19.89 9.66 25.58
N GLU A 205 20.37 9.90 26.80
CA GLU A 205 21.48 9.10 27.32
C GLU A 205 21.14 7.61 27.46
N ARG A 206 19.91 7.31 27.87
CA ARG A 206 19.50 5.92 28.01
C ARG A 206 19.39 5.22 26.65
N LEU A 207 19.03 5.98 25.61
CA LEU A 207 18.94 5.44 24.26
C LEU A 207 20.30 4.95 23.82
N PHE A 208 21.31 5.81 24.01
CA PHE A 208 22.67 5.46 23.63
C PHE A 208 23.28 4.36 24.46
N SER A 209 22.96 4.32 25.75
CA SER A 209 23.52 3.30 26.62
C SER A 209 22.74 2.00 26.61
N GLU A 210 22.06 1.71 25.50
CA GLU A 210 21.25 0.50 25.36
C GLU A 210 21.85 -0.60 24.49
N PRO A 211 21.59 -1.87 24.87
CA PRO A 211 22.11 -3.01 24.10
C PRO A 211 21.12 -3.30 22.98
N LEU A 212 21.44 -2.88 21.77
CA LEU A 212 20.56 -3.11 20.64
C LEU A 212 21.04 -4.31 19.81
N ASP A 213 20.09 -5.04 19.25
CA ASP A 213 20.40 -6.21 18.45
C ASP A 213 20.98 -5.78 17.11
N HIS A 214 22.00 -6.50 16.65
CA HIS A 214 22.65 -6.16 15.38
C HIS A 214 22.20 -7.07 14.25
N ARG A 215 21.78 -8.28 14.61
CA ARG A 215 21.37 -9.25 13.61
C ARG A 215 20.20 -8.82 12.75
N GLY A 216 20.19 -9.31 11.51
CA GLY A 216 19.13 -8.98 10.58
C GLY A 216 17.95 -9.91 10.82
N GLU A 217 17.17 -10.15 9.77
CA GLU A 217 16.02 -11.01 9.91
C GLU A 217 15.33 -11.23 8.59
N VAL A 218 14.41 -12.18 8.61
CA VAL A 218 13.61 -12.49 7.46
C VAL A 218 12.19 -12.30 7.91
N VAL A 219 11.39 -11.67 7.06
CA VAL A 219 9.99 -11.46 7.37
C VAL A 219 9.22 -11.87 6.13
N LEU A 220 8.41 -12.90 6.30
CA LEU A 220 7.58 -13.43 5.24
C LEU A 220 6.36 -12.52 5.18
N VAL A 221 6.10 -11.96 4.01
CA VAL A 221 4.98 -11.03 3.85
C VAL A 221 4.05 -11.39 2.71
N GLY A 222 2.76 -11.53 3.04
CA GLY A 222 1.76 -11.85 2.03
C GLY A 222 1.37 -10.59 1.29
N ALA A 223 1.44 -10.62 -0.03
CA ALA A 223 1.11 -9.47 -0.83
C ALA A 223 -0.36 -9.48 -1.25
N GLY A 224 -1.02 -10.62 -1.06
CA GLY A 224 -2.42 -10.72 -1.47
C GLY A 224 -2.46 -11.09 -2.94
N PRO A 225 -3.64 -11.29 -3.54
CA PRO A 225 -3.82 -11.65 -4.96
C PRO A 225 -3.36 -10.70 -6.07
N GLY A 226 -3.20 -9.40 -5.78
CA GLY A 226 -2.77 -8.50 -6.83
C GLY A 226 -3.11 -7.06 -6.54
N ASP A 227 -4.36 -6.84 -6.15
CA ASP A 227 -4.82 -5.50 -5.80
C ASP A 227 -3.96 -4.95 -4.66
N ALA A 228 -3.30 -3.82 -4.88
CA ALA A 228 -2.42 -3.20 -3.86
C ALA A 228 -3.12 -2.83 -2.57
N GLY A 229 -4.38 -2.43 -2.64
CA GLY A 229 -5.09 -2.08 -1.44
C GLY A 229 -5.40 -3.28 -0.56
N LEU A 230 -5.08 -4.49 -1.03
CA LEU A 230 -5.36 -5.69 -0.23
C LEU A 230 -4.18 -6.11 0.61
N LEU A 231 -3.10 -5.33 0.51
CA LEU A 231 -1.90 -5.56 1.30
C LEU A 231 -2.30 -5.11 2.71
N THR A 232 -1.70 -5.69 3.75
CA THR A 232 -2.03 -5.26 5.11
C THR A 232 -1.20 -4.05 5.50
N LEU A 233 -1.64 -3.34 6.53
CA LEU A 233 -0.93 -2.17 7.00
C LEU A 233 0.47 -2.59 7.43
N LYS A 234 0.59 -3.73 8.11
CA LYS A 234 1.88 -4.17 8.57
C LYS A 234 2.72 -4.66 7.39
N GLY A 235 2.06 -5.21 6.38
CA GLY A 235 2.79 -5.67 5.21
C GLY A 235 3.39 -4.48 4.49
N LEU A 236 2.67 -3.36 4.51
CA LEU A 236 3.14 -2.14 3.87
C LEU A 236 4.33 -1.63 4.67
N GLN A 237 4.20 -1.64 5.99
CA GLN A 237 5.31 -1.17 6.83
C GLN A 237 6.58 -1.96 6.55
N GLN A 238 6.46 -3.29 6.50
CA GLN A 238 7.61 -4.15 6.25
C GLN A 238 8.29 -3.93 4.90
N ILE A 239 7.52 -3.69 3.85
CA ILE A 239 8.14 -3.50 2.55
C ILE A 239 8.61 -2.06 2.40
N GLN A 240 8.10 -1.19 3.27
CA GLN A 240 8.47 0.23 3.26
C GLN A 240 9.79 0.48 3.99
N GLN A 241 10.19 -0.42 4.89
CA GLN A 241 11.43 -0.18 5.61
C GLN A 241 12.44 -1.31 5.52
N ALA A 242 12.30 -2.17 4.53
CA ALA A 242 13.21 -3.29 4.35
C ALA A 242 14.52 -2.86 3.67
N ASP A 243 15.55 -3.69 3.80
CA ASP A 243 16.86 -3.45 3.19
C ASP A 243 16.89 -4.11 1.83
N ILE A 244 16.22 -5.25 1.72
CA ILE A 244 16.18 -6.00 0.48
C ILE A 244 14.87 -6.81 0.42
N VAL A 245 14.27 -6.88 -0.77
CA VAL A 245 13.02 -7.60 -0.94
C VAL A 245 13.16 -8.67 -2.00
N VAL A 246 12.75 -9.89 -1.64
CA VAL A 246 12.81 -11.04 -2.53
C VAL A 246 11.39 -11.31 -2.99
N TYR A 247 11.12 -11.08 -4.27
CA TYR A 247 9.77 -11.24 -4.79
C TYR A 247 9.60 -12.22 -5.94
N ASP A 248 8.37 -12.70 -6.13
CA ASP A 248 8.08 -13.62 -7.22
C ASP A 248 7.16 -12.89 -8.20
N ARG A 249 6.73 -13.57 -9.27
CA ARG A 249 5.89 -12.94 -10.27
C ARG A 249 4.43 -12.78 -9.87
N LEU A 250 4.06 -13.37 -8.74
CA LEU A 250 2.68 -13.26 -8.27
C LEU A 250 2.50 -12.07 -7.35
N VAL A 251 3.50 -11.19 -7.37
CA VAL A 251 3.44 -9.96 -6.61
C VAL A 251 3.17 -8.92 -7.69
N SER A 252 1.96 -8.39 -7.71
CA SER A 252 1.59 -7.41 -8.72
C SER A 252 2.56 -6.24 -8.71
N ASP A 253 2.70 -5.57 -9.84
CA ASP A 253 3.62 -4.46 -9.92
C ASP A 253 3.17 -3.24 -9.13
N ASP A 254 1.87 -3.12 -8.89
CA ASP A 254 1.35 -2.00 -8.11
C ASP A 254 1.88 -2.16 -6.67
N ILE A 255 2.02 -3.41 -6.26
CA ILE A 255 2.52 -3.69 -4.94
C ILE A 255 4.04 -3.52 -4.94
N MET A 256 4.71 -3.89 -6.03
CA MET A 256 6.16 -3.70 -6.06
C MET A 256 6.49 -2.20 -6.00
N ASN A 257 5.54 -1.36 -6.41
CA ASN A 257 5.76 0.08 -6.37
C ASN A 257 5.68 0.65 -4.96
N LEU A 258 5.12 -0.14 -4.05
CA LEU A 258 4.97 0.28 -2.67
C LEU A 258 6.19 -0.08 -1.85
N VAL A 259 7.16 -0.71 -2.50
CA VAL A 259 8.39 -1.10 -1.83
C VAL A 259 9.32 0.11 -1.72
N ARG A 260 10.13 0.11 -0.66
CA ARG A 260 11.16 1.14 -0.42
C ARG A 260 11.85 1.37 -1.77
N ARG A 261 12.02 2.62 -2.20
CA ARG A 261 12.71 2.83 -3.46
C ARG A 261 14.21 2.61 -3.24
N ASP A 262 14.63 2.66 -1.98
CA ASP A 262 16.02 2.47 -1.57
C ASP A 262 16.45 1.02 -1.36
N ALA A 263 15.50 0.09 -1.38
CA ALA A 263 15.84 -1.30 -1.16
C ALA A 263 16.31 -2.04 -2.42
N ASP A 264 17.05 -3.12 -2.19
CA ASP A 264 17.55 -3.96 -3.28
C ASP A 264 16.41 -4.93 -3.56
N ARG A 265 16.46 -5.63 -4.69
CA ARG A 265 15.41 -6.58 -5.03
C ARG A 265 15.88 -7.75 -5.85
N VAL A 266 15.49 -8.94 -5.43
CA VAL A 266 15.87 -10.15 -6.13
C VAL A 266 14.63 -10.87 -6.66
N PHE A 267 14.54 -11.00 -7.97
CA PHE A 267 13.42 -11.70 -8.57
C PHE A 267 13.75 -13.17 -8.37
N VAL A 268 12.71 -14.00 -8.26
CA VAL A 268 12.94 -15.41 -8.02
C VAL A 268 11.91 -16.25 -8.79
N VAL A 277 14.69 -19.68 -9.80
CA VAL A 277 15.72 -19.73 -8.70
C VAL A 277 15.19 -20.72 -7.64
N PRO A 278 15.66 -21.98 -7.69
CA PRO A 278 15.29 -23.09 -6.81
C PRO A 278 14.96 -22.74 -5.38
N GLN A 279 13.91 -23.37 -4.85
CA GLN A 279 13.51 -23.14 -3.49
C GLN A 279 14.72 -23.15 -2.58
N GLU A 280 15.61 -24.10 -2.81
CA GLU A 280 16.82 -24.21 -1.99
C GLU A 280 17.75 -23.03 -2.24
N GLU A 281 17.83 -22.56 -3.48
CA GLU A 281 18.67 -21.42 -3.82
C GLU A 281 18.06 -20.17 -3.20
N ILE A 282 16.73 -20.08 -3.28
CA ILE A 282 15.98 -18.96 -2.70
C ILE A 282 16.15 -19.02 -1.19
N ASN A 283 16.11 -20.23 -0.65
CA ASN A 283 16.25 -20.42 0.77
C ASN A 283 17.56 -19.83 1.23
N GLN A 284 18.61 -20.07 0.45
CA GLN A 284 19.94 -19.56 0.77
C GLN A 284 20.08 -18.04 0.66
N ILE A 285 19.42 -17.45 -0.32
CA ILE A 285 19.46 -16.01 -0.51
C ILE A 285 18.99 -15.30 0.78
N LEU A 286 17.91 -15.82 1.36
CA LEU A 286 17.35 -15.23 2.56
C LEU A 286 18.26 -15.20 3.78
N LEU A 287 18.70 -16.36 4.25
CA LEU A 287 19.55 -16.40 5.43
C LEU A 287 20.91 -15.77 5.20
N ARG A 288 21.39 -15.83 3.97
CA ARG A 288 22.67 -15.21 3.64
C ARG A 288 22.53 -13.71 3.94
N GLU A 289 21.58 -13.08 3.24
CA GLU A 289 21.33 -11.64 3.40
C GLU A 289 21.00 -11.24 4.83
N ALA A 290 20.32 -12.11 5.57
CA ALA A 290 19.99 -11.81 6.95
C ALA A 290 21.30 -11.91 7.73
N GLN A 291 22.12 -12.89 7.36
CA GLN A 291 23.42 -13.10 8.00
C GLN A 291 24.22 -11.80 7.94
N LYS A 292 24.20 -11.16 6.78
CA LYS A 292 24.91 -9.90 6.59
C LYS A 292 24.36 -8.84 7.56
N GLY A 293 23.23 -9.14 8.20
CA GLY A 293 22.64 -8.19 9.13
C GLY A 293 21.48 -7.41 8.52
N LYS A 294 21.11 -7.77 7.29
CA LYS A 294 20.02 -7.10 6.59
C LYS A 294 18.62 -7.53 6.99
N ARG A 295 17.68 -6.66 6.69
CA ARG A 295 16.27 -6.89 6.98
C ARG A 295 15.69 -7.37 5.67
N VAL A 296 15.54 -8.68 5.55
CA VAL A 296 15.01 -9.27 4.33
C VAL A 296 13.49 -9.44 4.41
N VAL A 297 12.84 -9.22 3.27
CA VAL A 297 11.41 -9.39 3.18
C VAL A 297 11.13 -10.29 1.99
N ARG A 298 10.56 -11.45 2.26
CA ARG A 298 10.20 -12.38 1.21
C ARG A 298 8.74 -12.09 0.88
N LEU A 299 8.56 -11.34 -0.20
CA LEU A 299 7.25 -10.93 -0.68
C LEU A 299 6.67 -12.00 -1.57
N LYS A 300 5.65 -12.70 -1.07
CA LYS A 300 5.00 -13.76 -1.83
C LYS A 300 3.55 -13.40 -2.18
N GLY A 301 3.05 -13.96 -3.27
CA GLY A 301 1.69 -13.70 -3.67
C GLY A 301 0.71 -14.35 -2.71
N GLY A 302 -0.48 -13.77 -2.59
CA GLY A 302 -1.49 -14.31 -1.69
C GLY A 302 -1.00 -14.38 -0.26
N ASP A 303 -1.10 -15.56 0.36
CA ASP A 303 -0.66 -15.77 1.73
C ASP A 303 0.48 -16.83 1.77
N PRO A 304 1.59 -16.51 2.46
CA PRO A 304 2.75 -17.39 2.59
C PRO A 304 2.63 -18.83 3.14
N PHE A 305 1.69 -19.08 4.05
CA PHE A 305 1.55 -20.42 4.60
C PHE A 305 0.47 -21.27 3.93
N ILE A 306 0.06 -20.84 2.73
CA ILE A 306 -0.94 -21.54 1.95
C ILE A 306 -0.42 -21.66 0.52
N PHE A 307 0.06 -22.85 0.20
CA PHE A 307 0.62 -23.19 -1.11
C PHE A 307 1.82 -22.39 -1.60
N GLY A 308 2.42 -21.62 -0.71
CA GLY A 308 3.62 -20.91 -1.06
C GLY A 308 4.59 -21.90 -0.47
N ARG A 309 5.84 -21.54 -0.25
CA ARG A 309 6.74 -22.51 0.37
C ARG A 309 7.36 -21.82 1.57
N GLY A 310 6.53 -21.01 2.22
CA GLY A 310 6.94 -20.25 3.37
C GLY A 310 7.58 -21.08 4.47
N GLY A 311 6.94 -22.19 4.83
CA GLY A 311 7.49 -23.03 5.88
C GLY A 311 8.92 -23.41 5.56
N GLU A 312 9.14 -23.88 4.33
CA GLU A 312 10.46 -24.28 3.88
C GLU A 312 11.49 -23.15 4.00
N GLU A 313 11.07 -21.95 3.66
CA GLU A 313 11.96 -20.79 3.70
C GLU A 313 12.32 -20.32 5.11
N LEU A 314 11.68 -20.90 6.12
CA LEU A 314 11.96 -20.50 7.49
C LEU A 314 12.47 -21.58 8.42
N GLU A 315 12.12 -22.84 8.14
CA GLU A 315 12.49 -23.93 9.04
C GLU A 315 13.95 -24.13 9.44
N THR A 316 14.89 -23.45 8.79
CA THR A 316 16.30 -23.59 9.17
C THR A 316 16.82 -22.33 9.85
N LEU A 317 16.07 -21.24 9.77
CA LEU A 317 16.49 -19.98 10.37
C LEU A 317 16.71 -20.04 11.86
N CYS A 318 15.93 -20.86 12.56
CA CYS A 318 16.07 -20.99 14.00
C CYS A 318 17.40 -21.68 14.31
N HIS A 319 17.72 -22.72 13.54
CA HIS A 319 18.97 -23.46 13.69
C HIS A 319 20.13 -22.47 13.49
N ALA A 320 19.89 -21.50 12.61
CA ALA A 320 20.87 -20.48 12.27
C ALA A 320 20.94 -19.29 13.22
N GLY A 321 19.95 -19.17 14.09
CA GLY A 321 19.93 -18.05 15.02
C GLY A 321 19.49 -16.76 14.37
N ILE A 322 18.71 -16.87 13.30
CA ILE A 322 18.22 -15.71 12.57
C ILE A 322 16.74 -15.40 12.85
N PRO A 323 16.45 -14.24 13.47
CA PRO A 323 15.11 -13.78 13.80
C PRO A 323 14.21 -13.69 12.58
N PHE A 324 12.96 -14.10 12.74
CA PHE A 324 12.00 -14.05 11.63
C PHE A 324 10.60 -13.86 12.19
N SER A 325 9.67 -13.56 11.29
CA SER A 325 8.27 -13.35 11.65
C SER A 325 7.47 -13.48 10.37
N VAL A 326 6.16 -13.63 10.51
CA VAL A 326 5.29 -13.81 9.35
C VAL A 326 4.12 -12.84 9.34
N VAL A 327 3.88 -12.23 8.19
CA VAL A 327 2.77 -11.29 8.04
C VAL A 327 1.85 -11.94 7.04
N PRO A 328 0.71 -12.46 7.50
CA PRO A 328 -0.24 -13.12 6.60
C PRO A 328 -0.79 -12.17 5.54
N GLY A 329 -1.40 -12.74 4.51
CA GLY A 329 -1.98 -11.95 3.43
C GLY A 329 -3.27 -12.59 2.92
N ILE A 330 -4.05 -11.81 2.19
CA ILE A 330 -5.30 -12.29 1.63
C ILE A 330 -4.94 -13.40 0.65
N THR A 331 -5.44 -14.60 0.91
CA THR A 331 -5.16 -15.73 0.03
C THR A 331 -5.91 -15.51 -1.29
N ALA A 332 -5.45 -16.17 -2.34
CA ALA A 332 -6.07 -16.01 -3.66
C ALA A 332 -7.52 -16.45 -3.62
N ALA A 333 -7.78 -17.50 -2.85
CA ALA A 333 -9.12 -18.06 -2.70
C ALA A 333 -10.11 -17.05 -2.11
N SER A 334 -9.65 -16.22 -1.18
CA SER A 334 -10.50 -15.22 -0.54
C SER A 334 -10.68 -13.98 -1.41
N GLY A 335 -9.59 -13.55 -2.02
CA GLY A 335 -9.62 -12.39 -2.88
C GLY A 335 -10.42 -12.62 -4.16
N CYS A 336 -10.10 -13.68 -4.90
CA CYS A 336 -10.81 -13.97 -6.15
C CYS A 336 -12.29 -14.19 -5.97
N SER A 337 -12.64 -15.06 -5.03
CA SER A 337 -14.05 -15.35 -4.76
C SER A 337 -14.82 -14.06 -4.45
N ALA A 338 -14.37 -13.30 -3.46
CA ALA A 338 -15.04 -12.04 -3.09
C ALA A 338 -15.12 -11.06 -4.25
N TYR A 339 -14.04 -10.97 -5.02
CA TYR A 339 -13.98 -10.07 -6.17
C TYR A 339 -14.77 -10.56 -7.36
N SER A 340 -15.19 -11.82 -7.33
CA SER A 340 -15.96 -12.37 -8.43
C SER A 340 -17.42 -12.51 -7.99
N GLY A 341 -17.72 -12.01 -6.79
CA GLY A 341 -19.07 -12.06 -6.30
C GLY A 341 -19.51 -13.44 -5.86
N ILE A 342 -18.53 -14.28 -5.53
CA ILE A 342 -18.82 -15.62 -5.08
C ILE A 342 -18.30 -15.81 -3.67
N PRO A 343 -19.20 -15.88 -2.68
CA PRO A 343 -18.74 -16.06 -1.30
C PRO A 343 -18.39 -17.54 -1.10
N LEU A 344 -17.34 -17.83 -0.34
CA LEU A 344 -16.94 -19.22 -0.13
C LEU A 344 -17.94 -20.05 0.70
N THR A 345 -18.76 -19.38 1.50
CA THR A 345 -19.77 -20.04 2.33
C THR A 345 -21.06 -19.21 2.41
N HIS A 346 -22.21 -19.86 2.38
CA HIS A 346 -23.53 -19.20 2.45
C HIS A 346 -24.49 -20.11 3.22
N ARG A 347 -25.68 -19.60 3.54
CA ARG A 347 -26.73 -20.25 4.36
C ARG A 347 -26.68 -21.72 4.82
N ASP A 348 -26.58 -22.72 3.95
CA ASP A 348 -26.53 -24.09 4.48
C ASP A 348 -25.85 -24.73 3.30
N TYR A 349 -25.57 -23.86 2.33
CA TYR A 349 -24.91 -24.20 1.07
C TYR A 349 -23.73 -25.10 1.30
N ALA A 350 -22.75 -24.54 2.00
CA ALA A 350 -21.53 -25.25 2.31
C ALA A 350 -20.98 -24.60 3.55
N GLN A 351 -20.63 -25.41 4.54
CA GLN A 351 -20.07 -24.90 5.78
C GLN A 351 -18.69 -25.55 5.95
N SER A 352 -18.18 -26.10 4.85
CA SER A 352 -16.85 -26.69 4.82
C SER A 352 -16.18 -26.25 3.52
N VAL A 353 -15.01 -25.62 3.61
CA VAL A 353 -14.30 -25.14 2.44
C VAL A 353 -12.98 -25.86 2.25
N ARG A 354 -12.61 -26.14 1.02
CA ARG A 354 -11.36 -26.83 0.74
C ARG A 354 -10.46 -26.10 -0.26
N LEU A 355 -9.18 -25.95 0.09
CA LEU A 355 -8.20 -25.31 -0.79
C LEU A 355 -7.29 -26.43 -1.31
N VAL A 356 -7.39 -26.71 -2.61
CA VAL A 356 -6.62 -27.82 -3.19
C VAL A 356 -5.52 -27.48 -4.19
N THR A 357 -4.73 -28.49 -4.54
CA THR A 357 -3.57 -28.38 -5.43
C THR A 357 -3.63 -29.19 -6.73
N GLY A 358 -2.96 -28.68 -7.75
CA GLY A 358 -2.91 -29.37 -9.04
C GLY A 358 -1.48 -29.77 -9.40
N GLU A 365 -2.06 -39.62 -7.17
CA GLU A 365 -3.09 -38.64 -7.70
C GLU A 365 -3.73 -37.85 -6.55
N LEU A 366 -5.06 -37.73 -6.57
CA LEU A 366 -5.78 -37.00 -5.53
C LEU A 366 -6.95 -37.87 -5.05
N ASP A 367 -7.64 -37.48 -3.97
CA ASP A 367 -8.77 -38.27 -3.45
C ASP A 367 -10.15 -37.73 -3.86
N TRP A 368 -10.54 -38.07 -5.07
CA TRP A 368 -11.79 -37.63 -5.65
C TRP A 368 -13.12 -37.87 -4.91
N GLU A 369 -13.24 -38.99 -4.20
CA GLU A 369 -14.48 -39.29 -3.48
C GLU A 369 -14.74 -38.33 -2.31
N ASN A 370 -13.66 -37.87 -1.70
CA ASN A 370 -13.72 -36.97 -0.56
C ASN A 370 -13.93 -35.54 -1.08
N LEU A 371 -13.52 -35.33 -2.32
CA LEU A 371 -13.61 -34.03 -3.00
C LEU A 371 -14.87 -33.80 -3.86
N ALA A 372 -15.53 -34.89 -4.28
CA ALA A 372 -16.72 -34.79 -5.12
C ALA A 372 -17.95 -34.79 -4.24
N ALA A 373 -17.72 -35.13 -2.98
CA ALA A 373 -18.81 -35.17 -2.03
C ALA A 373 -19.19 -33.76 -1.70
N GLU A 374 -20.42 -33.62 -1.23
CA GLU A 374 -20.83 -32.31 -0.82
C GLU A 374 -21.87 -32.01 0.17
N LYS A 375 -21.44 -30.88 0.66
CA LYS A 375 -22.02 -29.87 1.48
C LYS A 375 -20.83 -28.96 1.61
N GLN A 376 -19.92 -29.08 0.61
CA GLN A 376 -18.67 -28.29 0.56
C GLN A 376 -18.31 -27.45 -0.70
N THR A 377 -17.43 -26.46 -0.53
CA THR A 377 -16.95 -25.60 -1.63
C THR A 377 -15.48 -25.94 -1.95
N LEU A 378 -15.13 -26.04 -3.23
CA LEU A 378 -13.76 -26.37 -3.60
C LEU A 378 -13.02 -25.26 -4.33
N VAL A 379 -11.75 -25.07 -3.99
CA VAL A 379 -10.92 -24.04 -4.61
C VAL A 379 -9.60 -24.64 -5.06
N PHE A 380 -9.38 -24.68 -6.36
CA PHE A 380 -8.16 -25.25 -6.91
C PHE A 380 -7.09 -24.24 -7.33
N TYR A 381 -5.93 -24.36 -6.69
CA TYR A 381 -4.80 -23.52 -6.99
C TYR A 381 -3.99 -24.39 -7.96
N MET A 382 -3.34 -23.75 -8.93
CA MET A 382 -2.48 -24.42 -9.90
C MET A 382 -3.04 -25.61 -10.67
N GLY A 383 -4.22 -25.49 -11.28
CA GLY A 383 -4.76 -26.62 -12.01
C GLY A 383 -5.40 -26.35 -13.35
N LEU A 384 -4.98 -25.29 -14.04
CA LEU A 384 -5.57 -24.98 -15.33
C LEU A 384 -5.43 -26.07 -16.38
N ASN A 385 -4.37 -26.88 -16.29
CA ASN A 385 -4.20 -27.92 -17.28
C ASN A 385 -4.38 -29.35 -16.79
N GLN A 386 -4.99 -29.48 -15.63
CA GLN A 386 -5.31 -30.77 -15.04
C GLN A 386 -6.81 -30.65 -14.81
N ALA A 387 -7.39 -29.60 -15.39
CA ALA A 387 -8.81 -29.29 -15.27
C ALA A 387 -9.76 -30.30 -15.91
N ALA A 388 -9.35 -30.92 -17.00
CA ALA A 388 -10.22 -31.90 -17.66
C ALA A 388 -10.36 -33.14 -16.80
N THR A 389 -9.29 -33.49 -16.09
CA THR A 389 -9.30 -34.67 -15.24
C THR A 389 -10.02 -34.45 -13.92
N ILE A 390 -10.28 -33.19 -13.57
CA ILE A 390 -10.97 -32.91 -12.32
C ILE A 390 -12.46 -33.12 -12.49
N GLN A 391 -13.00 -32.71 -13.63
CA GLN A 391 -14.42 -32.88 -13.87
C GLN A 391 -14.74 -34.33 -14.24
N GLU A 392 -13.84 -34.96 -15.00
CA GLU A 392 -14.07 -36.35 -15.38
C GLU A 392 -14.05 -37.18 -14.10
N LYS A 393 -13.13 -36.86 -13.19
CA LYS A 393 -13.02 -37.59 -11.92
C LYS A 393 -14.12 -37.20 -10.93
N LEU A 394 -14.42 -35.91 -10.84
CA LEU A 394 -15.46 -35.44 -9.93
C LEU A 394 -16.81 -35.99 -10.34
N ILE A 395 -17.10 -35.97 -11.63
CA ILE A 395 -18.38 -36.48 -12.13
C ILE A 395 -18.46 -37.98 -11.89
N ALA A 396 -17.33 -38.67 -12.04
CA ALA A 396 -17.26 -40.11 -11.86
C ALA A 396 -17.43 -40.51 -10.41
N PHE A 397 -16.87 -39.72 -9.51
CA PHE A 397 -16.98 -40.04 -8.10
C PHE A 397 -18.26 -39.55 -7.44
N GLY A 398 -19.20 -39.09 -8.26
CA GLY A 398 -20.48 -38.68 -7.72
C GLY A 398 -20.93 -37.22 -7.77
N MET A 399 -20.19 -36.34 -8.41
CA MET A 399 -20.60 -34.95 -8.43
C MET A 399 -21.47 -34.54 -9.62
N GLN A 400 -22.66 -34.09 -9.25
CA GLN A 400 -23.74 -33.61 -10.11
C GLN A 400 -23.32 -32.58 -11.16
N ALA A 401 -23.43 -32.95 -12.43
CA ALA A 401 -23.01 -32.08 -13.53
C ALA A 401 -23.70 -30.74 -13.74
N ASP A 402 -24.72 -30.37 -12.95
CA ASP A 402 -25.35 -29.06 -13.14
C ASP A 402 -24.74 -28.12 -12.10
N MET A 403 -23.73 -28.64 -11.39
CA MET A 403 -23.00 -27.91 -10.36
C MET A 403 -22.20 -26.79 -11.01
N PRO A 404 -22.46 -25.55 -10.60
CA PRO A 404 -21.72 -24.43 -11.17
C PRO A 404 -20.26 -24.41 -10.78
N VAL A 405 -19.43 -23.94 -11.70
CA VAL A 405 -18.00 -23.83 -11.47
C VAL A 405 -17.64 -22.45 -12.01
N ALA A 406 -16.45 -21.98 -11.66
CA ALA A 406 -16.00 -20.68 -12.12
C ALA A 406 -14.49 -20.70 -12.13
N LEU A 407 -13.91 -19.96 -13.06
CA LEU A 407 -12.47 -19.87 -13.14
C LEU A 407 -12.15 -18.39 -13.13
N VAL A 408 -11.35 -17.98 -12.16
CA VAL A 408 -11.00 -16.58 -12.01
C VAL A 408 -9.59 -16.31 -12.49
N GLU A 409 -9.46 -15.43 -13.47
CA GLU A 409 -8.15 -15.10 -14.02
C GLU A 409 -7.70 -13.72 -13.56
N ASN A 410 -6.51 -13.68 -12.96
CA ASN A 410 -5.95 -12.43 -12.45
C ASN A 410 -6.90 -11.77 -11.46
N GLY A 411 -7.32 -12.55 -10.46
CA GLY A 411 -8.22 -12.04 -9.44
C GLY A 411 -7.74 -10.78 -8.76
N THR A 412 -8.68 -9.93 -8.40
CA THR A 412 -8.48 -8.65 -7.73
C THR A 412 -7.78 -7.61 -8.59
N SER A 413 -7.28 -8.01 -9.75
CA SER A 413 -6.59 -7.05 -10.61
C SER A 413 -7.51 -6.37 -11.63
N VAL A 414 -7.00 -5.27 -12.18
CA VAL A 414 -7.73 -4.50 -13.17
C VAL A 414 -7.96 -5.34 -14.44
N LYS A 415 -7.19 -6.41 -14.60
CA LYS A 415 -7.32 -7.28 -15.78
C LYS A 415 -8.07 -8.59 -15.50
N GLN A 416 -8.76 -8.65 -14.36
CA GLN A 416 -9.52 -9.85 -13.99
C GLN A 416 -10.63 -10.24 -14.96
N ARG A 417 -10.78 -11.55 -15.16
CA ARG A 417 -11.80 -12.12 -16.03
C ARG A 417 -12.43 -13.28 -15.30
N VAL A 418 -13.74 -13.44 -15.47
CA VAL A 418 -14.46 -14.52 -14.83
C VAL A 418 -15.26 -15.29 -15.86
N VAL A 419 -15.16 -16.61 -15.82
CA VAL A 419 -15.92 -17.46 -16.70
C VAL A 419 -16.64 -18.39 -15.76
N HIS A 420 -17.87 -18.73 -16.09
CA HIS A 420 -18.67 -19.59 -15.26
C HIS A 420 -19.28 -20.67 -16.13
N GLY A 421 -20.06 -21.53 -15.51
CA GLY A 421 -20.68 -22.59 -16.26
C GLY A 421 -20.91 -23.76 -15.35
N VAL A 422 -20.84 -24.94 -15.91
CA VAL A 422 -21.08 -26.13 -15.12
C VAL A 422 -20.02 -27.18 -15.36
N LEU A 423 -19.91 -28.12 -14.42
CA LEU A 423 -18.94 -29.21 -14.50
C LEU A 423 -18.67 -29.74 -15.89
N THR A 424 -19.72 -30.15 -16.58
CA THR A 424 -19.57 -30.70 -17.92
C THR A 424 -18.84 -29.74 -18.88
N GLN A 425 -18.68 -28.47 -18.48
CA GLN A 425 -17.98 -27.49 -19.31
C GLN A 425 -16.63 -27.10 -18.72
N LEU A 426 -16.38 -27.54 -17.48
CA LEU A 426 -15.13 -27.21 -16.79
C LEU A 426 -13.91 -27.25 -17.68
N GLY A 427 -13.59 -28.43 -18.20
CA GLY A 427 -12.43 -28.58 -19.07
C GLY A 427 -12.44 -27.61 -20.23
N GLU A 428 -13.65 -27.29 -20.70
CA GLU A 428 -13.82 -26.37 -21.83
C GLU A 428 -13.45 -24.94 -21.43
N LEU A 429 -14.09 -24.42 -20.38
CA LEU A 429 -13.83 -23.07 -19.88
C LEU A 429 -12.36 -22.87 -19.55
N ALA A 430 -11.74 -23.93 -19.06
CA ALA A 430 -10.32 -23.87 -18.70
C ALA A 430 -9.48 -23.40 -19.89
N GLN A 431 -10.04 -23.50 -21.10
CA GLN A 431 -9.31 -23.06 -22.29
C GLN A 431 -9.70 -21.63 -22.68
N GLN A 432 -10.71 -21.09 -22.01
CA GLN A 432 -11.15 -19.71 -22.28
C GLN A 432 -10.24 -18.78 -21.49
N VAL A 433 -9.58 -19.34 -20.49
CA VAL A 433 -8.69 -18.56 -19.64
C VAL A 433 -7.29 -19.15 -19.56
N GLU A 434 -6.39 -18.36 -19.00
CA GLU A 434 -4.99 -18.76 -18.84
C GLU A 434 -4.54 -18.39 -17.44
N SER A 435 -3.36 -18.85 -17.06
CA SER A 435 -2.80 -18.60 -15.72
C SER A 435 -2.26 -17.16 -15.54
N PRO A 436 -2.25 -16.65 -14.29
CA PRO A 436 -2.72 -17.33 -13.07
C PRO A 436 -4.23 -17.29 -12.92
N ALA A 437 -4.82 -18.47 -12.75
CA ALA A 437 -6.25 -18.57 -12.58
C ALA A 437 -6.59 -19.51 -11.45
N LEU A 438 -7.78 -19.34 -10.92
CA LEU A 438 -8.28 -20.15 -9.82
C LEU A 438 -9.57 -20.82 -10.28
N ILE A 439 -9.85 -21.98 -9.72
CA ILE A 439 -11.07 -22.72 -10.08
C ILE A 439 -11.92 -22.95 -8.85
N ILE A 440 -13.16 -22.47 -8.91
CA ILE A 440 -14.10 -22.60 -7.82
C ILE A 440 -15.19 -23.58 -8.16
N VAL A 441 -15.29 -24.66 -7.41
CA VAL A 441 -16.31 -25.65 -7.67
C VAL A 441 -17.26 -25.64 -6.50
N GLY A 442 -18.54 -25.45 -6.78
CA GLY A 442 -19.52 -25.40 -5.73
C GLY A 442 -20.71 -24.51 -6.05
N ARG A 443 -21.76 -24.71 -5.26
CA ARG A 443 -23.03 -24.00 -5.40
C ARG A 443 -22.97 -22.47 -5.24
N VAL A 444 -22.12 -22.01 -4.33
CA VAL A 444 -21.98 -20.58 -4.08
C VAL A 444 -21.66 -19.77 -5.34
N VAL A 445 -21.30 -20.45 -6.42
CA VAL A 445 -20.96 -19.76 -7.65
C VAL A 445 -22.19 -19.25 -8.38
N ALA A 446 -23.35 -19.74 -7.96
CA ALA A 446 -24.59 -19.32 -8.58
C ALA A 446 -24.96 -17.94 -8.07
N LEU A 447 -24.31 -17.54 -6.98
CA LEU A 447 -24.55 -16.23 -6.36
C LEU A 447 -23.85 -15.10 -7.07
N ARG A 448 -23.05 -15.44 -8.08
CA ARG A 448 -22.31 -14.43 -8.81
C ARG A 448 -23.15 -13.23 -9.22
N ASP A 449 -24.29 -13.46 -9.87
CA ASP A 449 -25.07 -12.31 -10.26
C ASP A 449 -26.30 -12.04 -9.44
N LYS A 450 -26.01 -11.65 -8.22
CA LYS A 450 -26.94 -11.27 -7.19
C LYS A 450 -25.96 -10.59 -6.24
N LEU A 451 -24.67 -10.86 -6.45
CA LEU A 451 -23.60 -10.30 -5.63
C LEU A 451 -22.38 -9.73 -6.39
N ASN A 452 -22.38 -9.79 -7.72
CA ASN A 452 -21.25 -9.29 -8.51
C ASN A 452 -21.10 -7.77 -8.35
N TRP A 453 -19.88 -7.32 -8.04
CA TRP A 453 -19.64 -5.89 -7.82
C TRP A 453 -18.35 -5.29 -8.39
N PHE A 454 -17.40 -6.10 -8.83
CA PHE A 454 -16.13 -5.57 -9.33
C PHE A 454 -16.05 -5.27 -10.83
N SER A 455 -16.45 -6.21 -11.66
CA SER A 455 -16.37 -6.03 -13.11
C SER A 455 -17.60 -6.51 -13.85
N ASN A 456 -17.69 -6.11 -15.11
CA ASN A 456 -18.77 -6.55 -15.98
C ASN A 456 -18.04 -7.55 -16.90
N HIS A 457 -16.83 -7.91 -16.46
CA HIS A 457 -15.94 -8.84 -17.17
C HIS A 457 -15.70 -10.14 -16.39
N MET B 1 11.69 27.84 6.15
CA MET B 1 11.76 26.97 4.95
C MET B 1 13.19 26.94 4.46
N ASP B 2 13.85 25.79 4.52
CA ASP B 2 15.23 25.71 4.04
C ASP B 2 15.35 25.22 2.61
N HIS B 3 14.25 24.70 2.06
CA HIS B 3 14.22 24.22 0.67
C HIS B 3 12.88 24.58 0.05
N LEU B 4 12.89 24.91 -1.24
CA LEU B 4 11.62 25.21 -1.90
C LEU B 4 11.26 24.01 -2.75
N PRO B 5 10.18 23.31 -2.40
CA PRO B 5 9.80 22.15 -3.21
C PRO B 5 9.15 22.62 -4.51
N ILE B 6 9.50 21.99 -5.64
CA ILE B 6 8.92 22.33 -6.93
C ILE B 6 8.74 21.04 -7.70
N PHE B 7 7.70 21.00 -8.55
CA PHE B 7 7.41 19.82 -9.34
C PHE B 7 7.79 20.06 -10.79
N CYS B 8 8.90 19.47 -11.21
CA CYS B 8 9.44 19.60 -12.58
C CYS B 8 8.83 18.69 -13.63
N GLN B 9 8.58 19.23 -14.83
CA GLN B 9 8.08 18.43 -15.95
C GLN B 9 9.36 17.94 -16.64
N LEU B 10 9.56 16.63 -16.69
CA LEU B 10 10.78 16.11 -17.29
C LEU B 10 10.63 15.41 -18.63
N ARG B 11 9.40 15.34 -19.13
CA ARG B 11 9.15 14.67 -20.40
C ARG B 11 10.07 15.18 -21.50
N ASP B 12 10.86 14.26 -22.06
CA ASP B 12 11.78 14.57 -23.14
C ASP B 12 12.77 15.71 -22.88
N ARG B 13 13.11 15.91 -21.61
CA ARG B 13 14.06 16.95 -21.21
C ARG B 13 15.38 16.25 -20.82
N ASP B 14 16.51 16.80 -21.24
CA ASP B 14 17.82 16.22 -20.94
C ASP B 14 18.25 16.24 -19.46
N CYS B 15 18.64 15.07 -18.99
CA CYS B 15 19.10 14.90 -17.63
C CYS B 15 20.31 13.99 -17.65
N LEU B 16 21.20 14.19 -16.68
CA LEU B 16 22.40 13.38 -16.62
C LEU B 16 22.58 12.76 -15.26
N ILE B 17 22.97 11.50 -15.28
CA ILE B 17 23.27 10.80 -14.06
C ILE B 17 24.70 10.28 -14.23
N VAL B 18 25.52 10.50 -13.22
CA VAL B 18 26.89 10.03 -13.30
C VAL B 18 27.00 8.90 -12.28
N GLY B 19 27.26 7.70 -12.81
CA GLY B 19 27.34 6.51 -11.97
C GLY B 19 26.52 5.44 -12.66
N GLY B 20 26.84 4.17 -12.41
CA GLY B 20 26.08 3.10 -13.05
C GLY B 20 25.82 1.93 -12.12
N GLY B 21 25.99 2.14 -10.82
CA GLY B 21 25.76 1.09 -9.85
C GLY B 21 24.30 0.99 -9.45
N ASP B 22 24.04 0.43 -8.27
CA ASP B 22 22.67 0.28 -7.82
C ASP B 22 22.03 1.59 -7.39
N VAL B 23 22.78 2.49 -6.80
CA VAL B 23 22.21 3.76 -6.39
C VAL B 23 21.78 4.56 -7.63
N ALA B 24 22.63 4.58 -8.65
CA ALA B 24 22.32 5.30 -9.87
C ALA B 24 21.08 4.74 -10.56
N GLU B 25 20.89 3.44 -10.45
CA GLU B 25 19.75 2.77 -11.08
C GLU B 25 18.38 3.22 -10.54
N ARG B 26 18.31 3.51 -9.24
CA ARG B 26 17.07 3.96 -8.60
C ARG B 26 16.74 5.34 -9.10
N LYS B 27 17.78 6.14 -9.22
CA LYS B 27 17.68 7.51 -9.70
C LYS B 27 17.21 7.50 -11.14
N ALA B 28 17.68 6.53 -11.91
CA ALA B 28 17.32 6.40 -13.32
C ALA B 28 15.90 5.89 -13.47
N ARG B 29 15.52 4.91 -12.64
CA ARG B 29 14.16 4.35 -12.68
C ARG B 29 13.17 5.49 -12.45
N LEU B 30 13.48 6.32 -11.46
CA LEU B 30 12.64 7.47 -11.13
C LEU B 30 12.59 8.48 -12.28
N LEU B 31 13.76 8.88 -12.77
CA LEU B 31 13.83 9.85 -13.87
C LEU B 31 13.10 9.36 -15.12
N LEU B 32 13.21 8.06 -15.37
CA LEU B 32 12.57 7.46 -16.54
C LEU B 32 11.06 7.45 -16.38
N GLU B 33 10.60 7.17 -15.16
CA GLU B 33 9.16 7.16 -14.86
C GLU B 33 8.56 8.53 -15.12
N ALA B 34 9.38 9.56 -14.91
CA ALA B 34 8.97 10.94 -15.13
C ALA B 34 9.16 11.33 -16.60
N GLY B 35 9.69 10.39 -17.38
CA GLY B 35 9.88 10.61 -18.82
C GLY B 35 11.11 11.38 -19.29
N ALA B 36 12.13 11.45 -18.46
CA ALA B 36 13.35 12.19 -18.81
C ALA B 36 14.10 11.62 -20.03
N ARG B 37 14.81 12.49 -20.73
CA ARG B 37 15.65 12.09 -21.86
C ARG B 37 16.96 11.95 -21.11
N LEU B 38 17.22 10.72 -20.67
CA LEU B 38 18.35 10.40 -19.83
C LEU B 38 19.64 9.90 -20.45
N THR B 39 20.74 10.48 -19.98
CA THR B 39 22.07 10.07 -20.40
C THR B 39 22.74 9.62 -19.10
N VAL B 40 23.36 8.44 -19.12
CA VAL B 40 24.04 7.92 -17.95
C VAL B 40 25.51 7.76 -18.27
N ASN B 41 26.34 8.36 -17.45
CA ASN B 41 27.77 8.38 -17.68
C ASN B 41 28.50 7.68 -16.53
N ALA B 42 29.18 6.58 -16.85
CA ALA B 42 29.91 5.83 -15.83
C ALA B 42 31.01 4.92 -16.41
N LEU B 43 31.88 4.44 -15.53
CA LEU B 43 32.98 3.57 -15.91
C LEU B 43 32.48 2.16 -16.22
N THR B 44 31.47 1.72 -15.50
CA THR B 44 30.91 0.40 -15.68
C THR B 44 29.40 0.48 -15.34
N PHE B 45 28.58 -0.33 -15.98
CA PHE B 45 27.13 -0.32 -15.76
C PHE B 45 26.58 -1.69 -15.33
N ILE B 46 25.65 -1.72 -14.38
CA ILE B 46 25.07 -3.00 -13.99
C ILE B 46 24.03 -3.38 -15.07
N PRO B 47 23.77 -4.69 -15.25
CA PRO B 47 22.83 -5.28 -16.22
C PRO B 47 21.58 -4.49 -16.60
N GLN B 48 20.84 -4.00 -15.60
CA GLN B 48 19.62 -3.26 -15.88
C GLN B 48 19.83 -2.05 -16.79
N PHE B 49 21.05 -1.53 -16.83
CA PHE B 49 21.34 -0.38 -17.69
C PHE B 49 21.48 -0.82 -19.14
N THR B 50 21.96 -2.04 -19.33
CA THR B 50 22.12 -2.60 -20.65
C THR B 50 20.72 -2.91 -21.18
N VAL B 51 19.88 -3.42 -20.30
CA VAL B 51 18.50 -3.76 -20.64
C VAL B 51 17.69 -2.55 -21.09
N TRP B 52 17.92 -1.40 -20.47
CA TRP B 52 17.20 -0.20 -20.87
C TRP B 52 17.79 0.32 -22.16
N ALA B 53 19.12 0.39 -22.23
CA ALA B 53 19.77 0.89 -23.41
C ALA B 53 19.32 0.11 -24.64
N ASN B 54 19.17 -1.20 -24.49
CA ASN B 54 18.76 -2.04 -25.60
C ASN B 54 17.28 -2.00 -25.98
N GLU B 55 16.51 -1.14 -25.31
CA GLU B 55 15.12 -0.97 -25.66
C GLU B 55 14.76 0.51 -25.65
N GLY B 56 15.72 1.30 -26.17
CA GLY B 56 15.62 2.73 -26.31
C GLY B 56 15.15 3.63 -25.18
N MET B 57 15.41 3.26 -23.94
CA MET B 57 14.96 4.08 -22.84
C MET B 57 15.95 5.13 -22.38
N LEU B 58 17.23 4.92 -22.67
CA LEU B 58 18.28 5.87 -22.32
C LEU B 58 19.55 5.72 -23.15
N THR B 59 20.49 6.62 -22.93
CA THR B 59 21.77 6.63 -23.65
C THR B 59 22.88 6.41 -22.62
N LEU B 60 23.86 5.56 -22.97
CA LEU B 60 24.98 5.27 -22.08
C LEU B 60 26.28 5.81 -22.64
N VAL B 61 27.09 6.39 -21.77
CA VAL B 61 28.39 6.94 -22.14
C VAL B 61 29.39 6.31 -21.15
N GLU B 62 30.04 5.24 -21.59
CA GLU B 62 31.00 4.54 -20.75
C GLU B 62 32.34 5.27 -20.76
N GLY B 63 32.82 5.61 -19.57
CA GLY B 63 34.07 6.32 -19.44
C GLY B 63 34.02 7.21 -18.20
N PRO B 64 35.06 8.02 -17.94
CA PRO B 64 35.02 8.88 -16.77
C PRO B 64 34.04 10.04 -16.99
N PHE B 65 33.90 10.91 -16.00
CA PHE B 65 32.99 12.03 -16.11
C PHE B 65 33.35 13.05 -17.19
N ASP B 66 32.50 13.14 -18.21
CA ASP B 66 32.69 14.10 -19.30
C ASP B 66 31.83 15.34 -18.97
N GLU B 67 32.49 16.40 -18.56
CA GLU B 67 31.83 17.65 -18.19
C GLU B 67 30.93 18.23 -19.29
N THR B 68 31.30 18.07 -20.55
CA THR B 68 30.51 18.63 -21.63
C THR B 68 29.14 17.98 -21.72
N LEU B 69 28.98 16.86 -21.01
CA LEU B 69 27.72 16.14 -20.97
C LEU B 69 26.63 16.97 -20.29
N LEU B 70 27.04 18.00 -19.55
CA LEU B 70 26.10 18.86 -18.84
C LEU B 70 25.59 20.07 -19.63
N ASP B 71 26.26 20.38 -20.73
CA ASP B 71 25.93 21.54 -21.57
C ASP B 71 24.48 21.81 -21.94
N SER B 72 23.67 20.78 -22.05
CA SER B 72 22.27 21.00 -22.40
C SER B 72 21.34 20.28 -21.44
N CYS B 73 21.83 20.00 -20.23
CA CYS B 73 21.00 19.31 -19.24
C CYS B 73 20.26 20.25 -18.32
N TRP B 74 19.13 19.77 -17.81
CA TRP B 74 18.31 20.55 -16.88
C TRP B 74 18.48 20.02 -15.46
N LEU B 75 18.94 18.78 -15.36
CA LEU B 75 19.14 18.16 -14.05
C LEU B 75 20.29 17.18 -14.06
N ALA B 76 21.03 17.17 -12.95
CA ALA B 76 22.16 16.27 -12.84
C ALA B 76 22.16 15.60 -11.49
N ILE B 77 22.60 14.35 -11.46
CA ILE B 77 22.67 13.61 -10.21
C ILE B 77 24.03 12.93 -10.13
N ALA B 78 24.74 13.17 -9.04
CA ALA B 78 26.05 12.57 -8.83
C ALA B 78 25.81 11.27 -8.08
N ALA B 79 25.94 10.13 -8.75
CA ALA B 79 25.68 8.86 -8.07
C ALA B 79 26.79 7.81 -8.10
N THR B 80 28.05 8.25 -7.92
CA THR B 80 29.17 7.32 -7.88
C THR B 80 29.57 7.25 -6.41
N ASP B 81 30.44 6.32 -6.05
CA ASP B 81 30.85 6.23 -4.66
C ASP B 81 32.20 6.88 -4.40
N ASP B 82 32.61 7.78 -5.29
CA ASP B 82 33.86 8.51 -5.18
C ASP B 82 33.49 9.96 -4.87
N ASP B 83 33.69 10.37 -3.62
CA ASP B 83 33.34 11.72 -3.20
C ASP B 83 34.01 12.84 -3.99
N THR B 84 35.19 12.58 -4.53
CA THR B 84 35.87 13.62 -5.29
C THR B 84 35.25 13.81 -6.67
N VAL B 85 34.79 12.72 -7.27
CA VAL B 85 34.19 12.79 -8.59
C VAL B 85 32.82 13.43 -8.51
N ASN B 86 32.08 13.11 -7.44
CA ASN B 86 30.75 13.68 -7.22
C ASN B 86 30.92 15.17 -7.05
N GLN B 87 32.00 15.54 -6.38
CA GLN B 87 32.34 16.93 -6.11
C GLN B 87 32.53 17.69 -7.41
N ARG B 88 33.16 17.04 -8.39
CA ARG B 88 33.41 17.72 -9.65
C ARG B 88 32.12 17.85 -10.46
N VAL B 89 31.24 16.87 -10.33
CA VAL B 89 29.99 16.91 -11.06
C VAL B 89 29.17 18.07 -10.51
N SER B 90 29.14 18.15 -9.18
CA SER B 90 28.41 19.21 -8.50
C SER B 90 28.94 20.58 -8.91
N ASP B 91 30.26 20.74 -8.85
CA ASP B 91 30.89 22.00 -9.21
C ASP B 91 30.63 22.37 -10.67
N ALA B 92 30.67 21.39 -11.56
CA ALA B 92 30.41 21.62 -12.99
C ALA B 92 28.93 21.95 -13.21
N ALA B 93 28.06 21.42 -12.36
CA ALA B 93 26.64 21.67 -12.45
C ALA B 93 26.30 23.07 -11.92
N GLU B 94 26.90 23.46 -10.81
CA GLU B 94 26.64 24.76 -10.20
C GLU B 94 27.21 25.92 -11.03
N SER B 95 28.32 25.69 -11.72
CA SER B 95 28.91 26.75 -12.52
C SER B 95 27.95 27.12 -13.64
N ARG B 96 27.23 26.14 -14.20
CA ARG B 96 26.28 26.44 -15.26
C ARG B 96 24.81 26.54 -14.82
N ARG B 97 24.61 26.71 -13.52
CA ARG B 97 23.28 26.87 -12.94
C ARG B 97 22.32 25.72 -13.26
N ILE B 98 22.81 24.51 -13.07
CA ILE B 98 22.00 23.34 -13.30
C ILE B 98 21.73 22.75 -11.94
N PHE B 99 20.46 22.55 -11.59
CA PHE B 99 20.16 21.94 -10.31
C PHE B 99 20.78 20.54 -10.27
N CYS B 100 21.54 20.29 -9.22
CA CYS B 100 22.24 19.02 -9.07
C CYS B 100 22.05 18.40 -7.70
N ASN B 101 21.93 17.08 -7.68
CA ASN B 101 21.77 16.38 -6.43
C ASN B 101 23.00 15.52 -6.24
N VAL B 102 23.68 15.72 -5.11
CA VAL B 102 24.85 14.90 -4.84
C VAL B 102 24.33 13.84 -3.94
N VAL B 103 24.28 12.66 -4.49
CA VAL B 103 23.76 11.61 -3.69
C VAL B 103 24.62 10.57 -3.07
N ASP B 104 25.04 11.06 -1.90
CA ASP B 104 25.74 10.49 -0.76
C ASP B 104 25.49 11.71 0.15
N ALA B 105 25.84 12.93 -0.26
CA ALA B 105 25.58 14.12 0.60
C ALA B 105 24.46 15.11 0.16
N PRO B 106 23.25 15.03 0.77
CA PRO B 106 22.08 15.87 0.49
C PRO B 106 22.09 17.41 0.60
N LYS B 107 22.87 17.97 1.52
CA LYS B 107 22.91 19.42 1.65
C LYS B 107 24.17 20.05 1.08
N ALA B 108 24.95 19.25 0.37
CA ALA B 108 26.17 19.75 -0.25
C ALA B 108 25.80 20.38 -1.59
N ALA B 109 24.82 19.80 -2.28
CA ALA B 109 24.44 20.32 -3.58
C ALA B 109 23.03 20.90 -3.72
N SER B 110 22.81 21.46 -4.90
CA SER B 110 21.58 22.13 -5.34
C SER B 110 20.18 21.67 -4.92
N PHE B 111 19.88 20.38 -5.05
CA PHE B 111 18.57 19.90 -4.64
C PHE B 111 18.59 18.54 -3.96
N ILE B 112 17.54 18.28 -3.19
CA ILE B 112 17.33 17.05 -2.46
C ILE B 112 16.23 16.28 -3.18
N MET B 113 16.39 14.97 -3.31
CA MET B 113 15.39 14.14 -3.93
C MET B 113 14.53 13.62 -2.78
N PRO B 114 13.26 14.03 -2.71
CA PRO B 114 12.33 13.62 -1.66
C PRO B 114 11.72 12.23 -1.84
N SER B 115 11.13 11.70 -0.77
CA SER B 115 10.45 10.42 -0.84
C SER B 115 9.11 10.75 -1.52
N ILE B 116 8.76 9.98 -2.55
CA ILE B 116 7.56 10.22 -3.31
C ILE B 116 6.40 9.24 -3.18
N ILE B 117 5.19 9.81 -3.16
CA ILE B 117 3.96 9.03 -3.10
C ILE B 117 3.34 9.37 -4.45
N ASP B 118 3.30 8.39 -5.33
CA ASP B 118 2.81 8.58 -6.69
C ASP B 118 1.37 8.13 -6.94
N ARG B 119 0.50 9.11 -7.21
CA ARG B 119 -0.91 8.86 -7.51
C ARG B 119 -1.24 9.74 -8.72
N SER B 120 -0.25 9.83 -9.61
CA SER B 120 -0.28 10.62 -10.84
C SER B 120 -1.64 10.74 -11.51
N PRO B 121 -2.06 11.97 -11.85
CA PRO B 121 -1.34 13.25 -11.65
C PRO B 121 -1.22 13.80 -10.24
N LEU B 122 -1.80 13.11 -9.26
CA LEU B 122 -1.71 13.58 -7.87
C LEU B 122 -0.43 13.02 -7.26
N MET B 123 0.37 13.88 -6.67
CA MET B 123 1.63 13.47 -6.06
C MET B 123 1.95 14.23 -4.80
N VAL B 124 2.51 13.51 -3.86
CA VAL B 124 2.92 14.08 -2.59
C VAL B 124 4.41 13.73 -2.42
N ALA B 125 5.16 14.67 -1.86
CA ALA B 125 6.58 14.45 -1.63
C ALA B 125 6.90 14.85 -0.21
N VAL B 126 7.77 14.09 0.45
CA VAL B 126 8.18 14.37 1.84
C VAL B 126 9.68 14.43 1.92
N SER B 127 10.17 15.40 2.67
CA SER B 127 11.60 15.57 2.86
C SER B 127 11.92 15.91 4.31
N SEP B 128 13.11 15.40 4.81
CA SEP B 128 13.71 15.50 5.99
CB SEP B 128 14.54 14.24 6.30
OG SEP B 128 15.35 13.38 5.12
C SEP B 128 14.60 16.72 6.01
O SEP B 128 15.05 17.15 7.10
P SEP B 128 15.46 12.98 3.45
O1P SEP B 128 16.69 12.02 3.47
O2P SEP B 128 15.72 14.29 2.74
O3P SEP B 128 14.11 12.32 3.32
N GLY B 129 14.83 17.34 4.83
CA GLY B 129 15.67 18.51 4.71
C GLY B 129 17.08 18.02 4.92
N GLY B 130 17.22 16.70 4.90
CA GLY B 130 18.51 16.05 5.10
C GLY B 130 18.79 15.57 6.51
N THR B 131 17.88 15.83 7.45
CA THR B 131 18.09 15.41 8.84
C THR B 131 17.85 13.92 9.07
N SER B 132 16.64 13.45 8.77
CA SER B 132 16.35 12.04 8.96
C SER B 132 15.62 11.32 7.83
N PRO B 133 16.35 10.53 7.04
CA PRO B 133 15.70 9.82 5.95
C PRO B 133 14.71 8.80 6.53
N VAL B 134 15.00 8.36 7.75
CA VAL B 134 14.14 7.42 8.45
C VAL B 134 12.76 8.02 8.64
N LEU B 135 12.72 9.28 9.07
CA LEU B 135 11.47 9.98 9.28
C LEU B 135 10.73 10.11 7.94
N ALA B 136 11.47 10.41 6.87
CA ALA B 136 10.87 10.56 5.55
C ALA B 136 10.14 9.28 5.14
N ARG B 137 10.77 8.14 5.39
CA ARG B 137 10.17 6.85 5.06
C ARG B 137 8.94 6.60 5.91
N LEU B 138 9.01 6.98 7.19
CA LEU B 138 7.87 6.83 8.09
C LEU B 138 6.69 7.63 7.57
N LEU B 139 6.96 8.79 6.99
CA LEU B 139 5.88 9.61 6.47
C LEU B 139 5.36 9.04 5.15
N ARG B 140 6.27 8.61 4.28
CA ARG B 140 5.86 8.04 3.01
C ARG B 140 4.92 6.87 3.27
N GLU B 141 5.31 6.00 4.20
CA GLU B 141 4.55 4.82 4.55
C GLU B 141 3.13 5.19 5.00
N LYS B 142 3.04 6.16 5.91
CA LYS B 142 1.75 6.59 6.42
C LYS B 142 0.90 7.24 5.34
N LEU B 143 1.55 7.95 4.43
CA LEU B 143 0.86 8.64 3.35
C LEU B 143 0.38 7.69 2.27
N GLU B 144 1.14 6.64 2.02
CA GLU B 144 0.78 5.64 1.02
C GLU B 144 -0.50 4.89 1.45
N SER B 145 -0.60 4.57 2.73
CA SER B 145 -1.77 3.84 3.24
C SER B 145 -3.01 4.72 3.25
N LEU B 146 -2.80 6.02 3.26
CA LEU B 146 -3.93 6.92 3.30
C LEU B 146 -4.45 7.35 1.94
N LEU B 147 -3.61 7.30 0.92
CA LEU B 147 -4.06 7.68 -0.42
C LEU B 147 -4.42 6.44 -1.24
N PRO B 148 -5.72 6.25 -1.51
CA PRO B 148 -6.06 5.06 -2.29
C PRO B 148 -5.31 4.95 -3.62
N GLN B 149 -5.07 3.69 -3.99
CA GLN B 149 -4.34 3.29 -5.19
C GLN B 149 -4.71 3.99 -6.50
N HIS B 150 -6.00 4.15 -6.75
CA HIS B 150 -6.45 4.75 -7.98
C HIS B 150 -6.97 6.17 -7.84
N LEU B 151 -6.44 6.88 -6.86
CA LEU B 151 -6.84 8.28 -6.62
C LEU B 151 -6.55 9.10 -7.88
N GLY B 152 -5.48 8.76 -8.60
CA GLY B 152 -5.12 9.49 -9.81
C GLY B 152 -6.19 9.44 -10.90
N GLN B 153 -6.93 8.33 -10.94
CA GLN B 153 -8.00 8.14 -11.92
C GLN B 153 -9.09 9.22 -11.83
N VAL B 154 -9.49 9.57 -10.63
CA VAL B 154 -10.51 10.59 -10.45
C VAL B 154 -9.96 12.00 -10.59
N ALA B 155 -8.67 12.16 -10.30
CA ALA B 155 -8.04 13.46 -10.44
C ALA B 155 -8.09 13.79 -11.94
N ARG B 156 -7.78 12.79 -12.74
CA ARG B 156 -7.78 12.94 -14.20
C ARG B 156 -9.19 13.11 -14.77
N TYR B 157 -10.16 12.39 -14.20
CA TYR B 157 -11.54 12.41 -14.67
C TYR B 157 -12.28 13.71 -14.34
N ALA B 158 -11.93 14.34 -13.22
CA ALA B 158 -12.57 15.58 -12.81
C ALA B 158 -12.76 16.57 -13.95
N GLY B 159 -11.80 16.64 -14.86
CA GLY B 159 -11.87 17.56 -15.99
C GLY B 159 -13.12 17.40 -16.85
N GLN B 160 -13.52 16.15 -17.09
CA GLN B 160 -14.70 15.86 -17.90
C GLN B 160 -16.01 16.02 -17.13
N LEU B 161 -15.98 16.69 -15.99
CA LEU B 161 -17.19 16.90 -15.21
C LEU B 161 -17.30 18.32 -14.71
N ARG B 162 -16.19 19.05 -14.76
CA ARG B 162 -16.15 20.43 -14.29
C ARG B 162 -17.31 21.29 -14.83
N ALA B 163 -17.56 21.19 -16.12
CA ALA B 163 -18.64 21.95 -16.74
C ALA B 163 -19.98 21.56 -16.14
N ARG B 164 -20.28 20.26 -16.17
CA ARG B 164 -21.55 19.77 -15.63
C ARG B 164 -21.75 20.16 -14.18
N VAL B 165 -20.66 20.28 -13.43
CA VAL B 165 -20.75 20.67 -12.02
C VAL B 165 -21.14 22.13 -11.84
N LYS B 166 -20.57 23.01 -12.65
CA LYS B 166 -20.87 24.44 -12.57
C LYS B 166 -22.31 24.69 -13.02
N LYS B 167 -22.83 23.81 -13.88
CA LYS B 167 -24.18 23.99 -14.43
C LYS B 167 -25.23 23.56 -13.41
N GLN B 168 -25.14 22.45 -12.70
CA GLN B 168 -26.18 22.06 -11.73
C GLN B 168 -25.94 22.66 -10.36
N PHE B 169 -24.71 23.01 -10.08
CA PHE B 169 -24.37 23.59 -8.77
C PHE B 169 -23.84 25.01 -8.96
N ALA B 170 -24.68 25.99 -8.62
CA ALA B 170 -24.32 27.38 -8.82
C ALA B 170 -23.72 28.14 -7.65
N THR B 171 -23.50 27.47 -6.51
CA THR B 171 -22.88 28.14 -5.37
C THR B 171 -21.56 27.46 -5.03
N MET B 172 -20.51 28.26 -4.89
CA MET B 172 -19.19 27.71 -4.59
C MET B 172 -19.22 26.65 -3.50
N GLY B 173 -19.95 26.90 -2.43
CA GLY B 173 -20.04 25.94 -1.34
C GLY B 173 -20.61 24.60 -1.77
N GLU B 174 -21.53 24.63 -2.72
CA GLU B 174 -22.15 23.40 -3.24
C GLU B 174 -21.19 22.62 -4.11
N ARG B 175 -20.46 23.33 -4.96
CA ARG B 175 -19.54 22.69 -5.86
C ARG B 175 -18.36 22.08 -5.12
N ARG B 176 -18.02 22.64 -3.97
CA ARG B 176 -16.93 22.08 -3.18
C ARG B 176 -17.41 20.75 -2.60
N ARG B 177 -18.58 20.76 -1.97
CA ARG B 177 -19.10 19.52 -1.40
C ARG B 177 -19.16 18.44 -2.45
N PHE B 178 -19.40 18.85 -3.70
CA PHE B 178 -19.46 17.87 -4.77
C PHE B 178 -18.10 17.18 -4.88
N TRP B 179 -17.07 17.98 -5.07
CA TRP B 179 -15.72 17.45 -5.19
C TRP B 179 -15.30 16.61 -3.99
N GLU B 180 -15.76 16.99 -2.80
CA GLU B 180 -15.43 16.23 -1.59
C GLU B 180 -16.04 14.83 -1.70
N LYS B 181 -17.22 14.73 -2.30
CA LYS B 181 -17.89 13.45 -2.47
C LYS B 181 -17.27 12.68 -3.63
N PHE B 182 -16.98 13.41 -4.70
CA PHE B 182 -16.38 12.84 -5.90
C PHE B 182 -14.99 12.26 -5.66
N PHE B 183 -14.17 12.96 -4.89
CA PHE B 183 -12.81 12.52 -4.60
C PHE B 183 -12.63 11.37 -3.61
N VAL B 184 -13.70 10.95 -2.95
CA VAL B 184 -13.60 9.82 -2.06
C VAL B 184 -14.44 8.69 -2.64
N ASN B 185 -14.88 8.83 -3.88
CA ASN B 185 -15.66 7.77 -4.50
C ASN B 185 -14.71 6.74 -5.08
N ASP B 186 -14.43 5.72 -4.28
CA ASP B 186 -13.51 4.66 -4.66
C ASP B 186 -14.06 3.73 -5.73
N ARG B 187 -15.37 3.54 -5.76
CA ARG B 187 -15.98 2.67 -6.75
C ARG B 187 -15.75 3.24 -8.15
N LEU B 188 -15.92 4.56 -8.29
CA LEU B 188 -15.72 5.24 -9.56
C LEU B 188 -14.25 5.14 -9.98
N ALA B 189 -13.34 5.35 -9.01
CA ALA B 189 -11.90 5.28 -9.27
C ALA B 189 -11.51 3.89 -9.80
N GLN B 190 -12.11 2.85 -9.23
CA GLN B 190 -11.87 1.47 -9.62
C GLN B 190 -12.42 1.22 -11.04
N SER B 191 -13.67 1.65 -11.26
CA SER B 191 -14.30 1.47 -12.54
C SER B 191 -13.45 2.07 -13.64
N LEU B 192 -12.91 3.27 -13.40
CA LEU B 192 -12.05 3.92 -14.39
C LEU B 192 -10.76 3.11 -14.60
N ALA B 193 -10.22 2.55 -13.53
CA ALA B 193 -9.01 1.74 -13.65
C ALA B 193 -9.34 0.40 -14.31
N ASN B 194 -10.60 -0.01 -14.28
CA ASN B 194 -10.99 -1.27 -14.93
C ASN B 194 -11.46 -1.04 -16.36
N ALA B 195 -11.71 0.22 -16.71
CA ALA B 195 -12.21 0.57 -18.03
C ALA B 195 -13.58 -0.09 -18.20
N ASP B 196 -14.42 0.11 -17.19
CA ASP B 196 -15.77 -0.42 -17.12
C ASP B 196 -16.66 0.76 -17.47
N GLU B 197 -16.74 1.09 -18.76
CA GLU B 197 -17.52 2.24 -19.18
C GLU B 197 -18.96 2.36 -18.68
N LYS B 198 -19.68 1.25 -18.57
CA LYS B 198 -21.06 1.35 -18.08
C LYS B 198 -21.16 1.70 -16.61
N ALA B 199 -20.26 1.14 -15.80
CA ALA B 199 -20.24 1.40 -14.36
C ALA B 199 -19.71 2.81 -14.09
N VAL B 200 -18.81 3.27 -14.96
CA VAL B 200 -18.24 4.60 -14.86
C VAL B 200 -19.34 5.61 -15.12
N ASN B 201 -20.23 5.26 -16.05
CA ASN B 201 -21.36 6.11 -16.40
C ASN B 201 -22.41 5.97 -15.31
N ALA B 202 -22.73 4.73 -14.98
CA ALA B 202 -23.72 4.42 -13.96
C ALA B 202 -23.38 5.07 -12.62
N THR B 203 -22.09 5.14 -12.30
CA THR B 203 -21.63 5.75 -11.05
C THR B 203 -21.46 7.25 -11.18
N THR B 204 -21.25 7.73 -12.40
CA THR B 204 -21.10 9.16 -12.64
C THR B 204 -22.44 9.85 -12.49
N GLU B 205 -23.47 9.24 -13.08
CA GLU B 205 -24.81 9.80 -13.00
C GLU B 205 -25.39 9.72 -11.60
N ARG B 206 -25.13 8.64 -10.86
CA ARG B 206 -25.65 8.58 -9.51
C ARG B 206 -25.02 9.68 -8.68
N LEU B 207 -23.90 10.22 -9.17
CA LEU B 207 -23.23 11.31 -8.47
C LEU B 207 -23.97 12.63 -8.70
N PHE B 208 -24.55 12.79 -9.88
CA PHE B 208 -25.29 14.01 -10.17
C PHE B 208 -26.75 13.80 -9.87
N SER B 209 -27.20 12.55 -9.95
CA SER B 209 -28.61 12.20 -9.74
C SER B 209 -29.13 12.09 -8.30
N GLU B 210 -28.24 12.00 -7.33
CA GLU B 210 -28.67 11.87 -5.94
C GLU B 210 -28.54 13.21 -5.21
N PRO B 211 -29.24 13.36 -4.09
CA PRO B 211 -29.15 14.61 -3.34
C PRO B 211 -27.67 14.85 -2.99
N LEU B 212 -27.25 16.10 -3.02
CA LEU B 212 -25.87 16.44 -2.75
C LEU B 212 -25.28 15.87 -1.46
N ASP B 213 -26.01 16.02 -0.36
CA ASP B 213 -25.53 15.53 0.92
C ASP B 213 -25.67 14.04 1.14
N HIS B 214 -26.06 13.32 0.09
CA HIS B 214 -26.19 11.87 0.19
C HIS B 214 -25.02 11.15 -0.46
N ARG B 215 -24.55 10.10 0.20
CA ARG B 215 -23.41 9.30 -0.28
C ARG B 215 -23.76 7.83 -0.03
N GLY B 216 -24.98 7.45 -0.40
CA GLY B 216 -25.42 6.09 -0.16
C GLY B 216 -24.68 4.92 -0.78
N GLU B 217 -24.20 4.01 0.08
CA GLU B 217 -23.51 2.82 -0.38
C GLU B 217 -23.20 1.91 0.80
N VAL B 218 -22.93 0.65 0.51
CA VAL B 218 -22.59 -0.29 1.58
C VAL B 218 -21.28 -0.98 1.25
N VAL B 219 -20.39 -1.03 2.23
CA VAL B 219 -19.10 -1.65 2.04
C VAL B 219 -18.88 -2.69 3.11
N LEU B 220 -18.65 -3.93 2.70
CA LEU B 220 -18.37 -5.00 3.63
C LEU B 220 -16.85 -5.01 3.78
N VAL B 221 -16.38 -4.88 5.02
CA VAL B 221 -14.93 -4.86 5.25
C VAL B 221 -14.44 -5.90 6.23
N GLY B 222 -13.43 -6.67 5.80
CA GLY B 222 -12.85 -7.68 6.66
C GLY B 222 -11.84 -7.01 7.59
N ALA B 223 -12.12 -7.04 8.89
CA ALA B 223 -11.22 -6.44 9.88
C ALA B 223 -9.97 -7.25 10.17
N GLY B 224 -10.03 -8.56 9.93
CA GLY B 224 -8.88 -9.40 10.23
C GLY B 224 -9.11 -10.02 11.59
N PRO B 225 -8.26 -10.97 12.02
CA PRO B 225 -8.43 -11.62 13.32
C PRO B 225 -8.28 -10.79 14.61
N GLY B 226 -7.79 -9.56 14.49
CA GLY B 226 -7.65 -8.72 15.69
C GLY B 226 -6.58 -7.66 15.60
N ASP B 227 -5.38 -8.06 15.20
CA ASP B 227 -4.24 -7.16 15.05
C ASP B 227 -4.58 -6.03 14.07
N ALA B 228 -4.58 -4.80 14.56
CA ALA B 228 -4.89 -3.66 13.69
C ALA B 228 -3.99 -3.65 12.47
N GLY B 229 -2.79 -4.23 12.60
CA GLY B 229 -1.89 -4.26 11.47
C GLY B 229 -2.32 -5.17 10.33
N LEU B 230 -3.23 -6.10 10.61
CA LEU B 230 -3.70 -7.03 9.60
C LEU B 230 -4.89 -6.51 8.80
N LEU B 231 -5.32 -5.30 9.12
CA LEU B 231 -6.38 -4.67 8.36
C LEU B 231 -5.71 -4.39 7.01
N THR B 232 -6.48 -4.37 5.93
CA THR B 232 -5.95 -4.09 4.58
C THR B 232 -5.93 -2.58 4.44
N LEU B 233 -5.12 -2.07 3.52
CA LEU B 233 -5.02 -0.63 3.30
C LEU B 233 -6.36 -0.10 2.82
N LYS B 234 -7.02 -0.83 1.91
CA LYS B 234 -8.31 -0.38 1.42
C LYS B 234 -9.31 -0.37 2.59
N GLY B 235 -9.25 -1.40 3.43
CA GLY B 235 -10.14 -1.48 4.58
C GLY B 235 -9.97 -0.26 5.49
N LEU B 236 -8.74 0.21 5.61
CA LEU B 236 -8.51 1.38 6.45
C LEU B 236 -9.07 2.62 5.74
N GLN B 237 -8.80 2.71 4.46
CA GLN B 237 -9.28 3.83 3.66
C GLN B 237 -10.81 3.91 3.72
N GLN B 238 -11.48 2.77 3.60
CA GLN B 238 -12.94 2.73 3.68
C GLN B 238 -13.43 3.13 5.05
N ILE B 239 -12.74 2.64 6.08
CA ILE B 239 -13.13 2.94 7.44
C ILE B 239 -12.97 4.42 7.78
N GLN B 240 -11.99 5.09 7.18
CA GLN B 240 -11.82 6.50 7.48
C GLN B 240 -12.80 7.40 6.74
N GLN B 241 -13.56 6.82 5.81
CA GLN B 241 -14.54 7.58 5.04
C GLN B 241 -15.98 7.21 5.37
N ALA B 242 -16.17 6.36 6.36
CA ALA B 242 -17.52 5.94 6.73
C ALA B 242 -18.32 6.99 7.50
N ASP B 243 -19.63 7.00 7.27
CA ASP B 243 -20.52 7.91 8.00
C ASP B 243 -21.04 7.06 9.14
N ILE B 244 -21.15 5.76 8.89
CA ILE B 244 -21.66 4.83 9.87
C ILE B 244 -21.00 3.46 9.79
N VAL B 245 -20.48 3.01 10.92
CA VAL B 245 -19.80 1.73 10.99
C VAL B 245 -20.63 0.74 11.79
N VAL B 246 -21.03 -0.36 11.15
CA VAL B 246 -21.81 -1.42 11.79
C VAL B 246 -20.83 -2.54 12.12
N TYR B 247 -20.61 -2.80 13.41
CA TYR B 247 -19.66 -3.83 13.80
C TYR B 247 -20.11 -4.83 14.86
N ASP B 248 -19.40 -5.95 14.95
CA ASP B 248 -19.71 -6.98 15.94
C ASP B 248 -18.55 -7.14 16.92
N ARG B 249 -18.65 -8.07 17.87
CA ARG B 249 -17.60 -8.23 18.88
C ARG B 249 -16.25 -8.76 18.41
N LEU B 250 -16.21 -9.52 17.31
CA LEU B 250 -14.92 -10.03 16.85
C LEU B 250 -14.07 -8.99 16.11
N VAL B 251 -14.55 -7.74 16.10
CA VAL B 251 -13.82 -6.64 15.50
C VAL B 251 -13.06 -6.09 16.69
N SER B 252 -11.75 -6.04 16.58
CA SER B 252 -10.89 -5.57 17.66
C SER B 252 -11.03 -4.11 18.09
N ASP B 253 -10.54 -3.83 19.30
CA ASP B 253 -10.55 -2.47 19.85
C ASP B 253 -9.61 -1.61 19.05
N ASP B 254 -8.38 -2.10 18.89
CA ASP B 254 -7.40 -1.35 18.13
C ASP B 254 -7.99 -1.03 16.76
N ILE B 255 -8.70 -1.98 16.15
CA ILE B 255 -9.29 -1.74 14.84
C ILE B 255 -10.32 -0.60 14.88
N MET B 256 -11.16 -0.58 15.92
CA MET B 256 -12.20 0.44 16.05
C MET B 256 -11.67 1.85 16.31
N ASN B 257 -10.49 1.96 16.94
CA ASN B 257 -9.93 3.28 17.22
C ASN B 257 -9.49 3.95 15.94
N LEU B 258 -9.41 3.15 14.87
CA LEU B 258 -9.03 3.66 13.55
C LEU B 258 -10.25 4.22 12.85
N VAL B 259 -11.43 3.92 13.38
CA VAL B 259 -12.67 4.44 12.81
C VAL B 259 -12.57 5.96 12.95
N ARG B 260 -13.28 6.68 12.09
CA ARG B 260 -13.20 8.14 12.02
C ARG B 260 -13.63 9.18 13.07
N ARG B 261 -14.18 8.80 14.23
CA ARG B 261 -14.55 9.82 15.22
C ARG B 261 -15.84 10.56 14.80
N ASP B 262 -16.92 10.14 15.44
CA ASP B 262 -18.27 10.61 15.20
C ASP B 262 -18.70 10.42 13.77
N ALA B 263 -18.53 9.15 13.48
CA ALA B 263 -18.89 8.42 12.30
C ALA B 263 -19.71 7.60 13.30
N ASP B 264 -21.00 7.43 13.05
CA ASP B 264 -21.80 6.69 14.02
C ASP B 264 -21.45 5.21 14.05
N ARG B 265 -21.46 4.65 15.25
CA ARG B 265 -21.15 3.25 15.44
C ARG B 265 -22.37 2.45 15.91
N VAL B 266 -22.62 1.33 15.26
CA VAL B 266 -23.75 0.49 15.63
C VAL B 266 -23.25 -0.92 15.97
N PHE B 267 -23.29 -1.23 17.25
CA PHE B 267 -22.87 -2.54 17.72
C PHE B 267 -24.02 -3.51 17.50
N VAL B 268 -23.82 -4.49 16.63
CA VAL B 268 -24.84 -5.48 16.35
C VAL B 268 -24.38 -6.79 16.94
N GLY B 269 -23.38 -6.68 17.80
CA GLY B 269 -22.84 -7.85 18.45
C GLY B 269 -23.72 -8.40 19.56
N LYS B 270 -23.30 -9.55 20.04
CA LYS B 270 -23.98 -10.29 21.09
C LYS B 270 -23.69 -9.66 22.47
N ARG B 271 -24.62 -8.81 22.93
CA ARG B 271 -24.51 -8.08 24.22
C ARG B 271 -24.53 -8.88 25.52
N ALA B 272 -23.57 -8.58 26.39
CA ALA B 272 -23.41 -9.20 27.72
C ALA B 272 -23.58 -10.71 27.74
N GLY B 273 -23.58 -11.31 26.55
CA GLY B 273 -23.76 -12.73 26.43
C GLY B 273 -25.13 -13.11 25.87
N TYR B 274 -26.18 -12.40 26.29
CA TYR B 274 -27.55 -12.73 25.87
C TYR B 274 -28.48 -11.87 24.97
N HIS B 275 -27.99 -10.94 24.15
CA HIS B 275 -28.95 -10.15 23.35
C HIS B 275 -28.75 -9.95 21.84
N CYS B 276 -28.00 -10.82 21.16
CA CYS B 276 -27.73 -10.58 19.74
C CYS B 276 -28.84 -10.20 18.74
N VAL B 277 -28.45 -9.33 17.81
CA VAL B 277 -29.31 -8.80 16.77
C VAL B 277 -29.55 -9.78 15.62
N PRO B 278 -30.82 -10.16 15.38
CA PRO B 278 -31.12 -11.10 14.29
C PRO B 278 -30.62 -10.56 12.95
N GLN B 279 -30.19 -11.46 12.08
CA GLN B 279 -29.65 -11.10 10.78
C GLN B 279 -30.50 -10.21 9.86
N GLU B 280 -31.80 -10.47 9.73
CA GLU B 280 -32.62 -9.63 8.84
C GLU B 280 -32.57 -8.17 9.25
N GLU B 281 -32.51 -7.91 10.56
CA GLU B 281 -32.48 -6.55 11.06
C GLU B 281 -31.14 -5.90 10.77
N ILE B 282 -30.05 -6.69 10.81
CA ILE B 282 -28.74 -6.17 10.50
C ILE B 282 -28.74 -5.85 9.00
N ASN B 283 -29.32 -6.77 8.22
CA ASN B 283 -29.42 -6.60 6.76
C ASN B 283 -30.19 -5.32 6.47
N GLN B 284 -31.34 -5.16 7.13
CA GLN B 284 -32.21 -4.01 6.95
C GLN B 284 -31.59 -2.65 7.29
N ILE B 285 -30.84 -2.54 8.38
CA ILE B 285 -30.26 -1.24 8.69
C ILE B 285 -29.17 -0.87 7.68
N LEU B 286 -28.46 -1.86 7.16
CA LEU B 286 -27.43 -1.58 6.16
C LEU B 286 -28.13 -1.03 4.92
N LEU B 287 -29.23 -1.65 4.55
CA LEU B 287 -29.98 -1.20 3.37
C LEU B 287 -30.67 0.12 3.69
N ARG B 288 -31.27 0.18 4.87
CA ARG B 288 -32.00 1.37 5.31
C ARG B 288 -31.14 2.62 5.36
N GLU B 289 -30.04 2.55 6.10
CA GLU B 289 -29.15 3.70 6.24
C GLU B 289 -28.42 4.10 4.96
N ALA B 290 -28.28 3.19 4.00
CA ALA B 290 -27.63 3.50 2.74
C ALA B 290 -28.70 4.23 1.92
N GLN B 291 -29.95 3.79 2.07
CA GLN B 291 -31.08 4.40 1.36
C GLN B 291 -31.20 5.85 1.81
N LYS B 292 -30.79 6.13 3.05
CA LYS B 292 -30.82 7.48 3.58
C LYS B 292 -29.63 8.30 3.07
N GLY B 293 -28.81 7.68 2.22
CA GLY B 293 -27.66 8.38 1.66
C GLY B 293 -26.37 8.30 2.46
N LYS B 294 -26.28 7.37 3.40
CA LYS B 294 -25.08 7.21 4.21
C LYS B 294 -24.09 6.17 3.67
N ARG B 295 -22.82 6.50 3.82
CA ARG B 295 -21.75 5.62 3.39
C ARG B 295 -21.66 4.63 4.52
N VAL B 296 -22.21 3.45 4.30
CA VAL B 296 -22.24 2.42 5.33
C VAL B 296 -21.10 1.41 5.27
N VAL B 297 -20.38 1.24 6.37
CA VAL B 297 -19.33 0.24 6.38
C VAL B 297 -19.70 -0.86 7.37
N ARG B 298 -19.82 -2.07 6.86
CA ARG B 298 -20.12 -3.21 7.70
C ARG B 298 -18.76 -3.84 8.06
N LEU B 299 -18.27 -3.58 9.27
CA LEU B 299 -16.99 -4.11 9.74
C LEU B 299 -17.12 -5.52 10.33
N LYS B 300 -16.67 -6.52 9.58
CA LYS B 300 -16.74 -7.92 10.00
C LYS B 300 -15.42 -8.46 10.53
N GLY B 301 -15.50 -9.41 11.46
CA GLY B 301 -14.30 -10.02 12.00
C GLY B 301 -13.71 -10.95 10.96
N GLY B 302 -12.39 -10.90 10.83
CA GLY B 302 -11.72 -11.76 9.85
C GLY B 302 -12.09 -11.40 8.43
N ASP B 303 -12.68 -12.36 7.71
CA ASP B 303 -13.08 -12.13 6.32
C ASP B 303 -14.60 -12.21 6.18
N PRO B 304 -15.22 -11.29 5.42
CA PRO B 304 -16.67 -11.21 5.20
C PRO B 304 -17.39 -12.43 4.64
N PHE B 305 -16.73 -13.18 3.74
CA PHE B 305 -17.37 -14.33 3.11
C PHE B 305 -16.95 -15.72 3.61
N ILE B 306 -16.35 -15.78 4.79
CA ILE B 306 -15.93 -17.06 5.36
C ILE B 306 -16.49 -17.22 6.77
N PHE B 307 -17.70 -17.77 6.85
CA PHE B 307 -18.40 -18.00 8.12
C PHE B 307 -18.86 -16.71 8.87
N GLY B 308 -19.28 -15.66 8.16
CA GLY B 308 -19.76 -14.42 8.81
C GLY B 308 -20.49 -13.70 7.70
N ARG B 309 -21.62 -14.28 7.34
CA ARG B 309 -22.27 -13.90 6.11
C ARG B 309 -22.76 -12.65 5.46
N GLY B 310 -21.74 -12.02 4.91
CA GLY B 310 -21.87 -10.81 4.15
C GLY B 310 -22.64 -11.13 2.90
N GLY B 311 -22.73 -12.42 2.55
CA GLY B 311 -23.50 -12.79 1.37
C GLY B 311 -24.95 -12.42 1.60
N GLU B 312 -25.43 -12.69 2.81
CA GLU B 312 -26.80 -12.39 3.17
C GLU B 312 -27.03 -10.90 3.25
N GLU B 313 -26.07 -10.17 3.81
CA GLU B 313 -26.20 -8.73 3.95
C GLU B 313 -25.99 -7.98 2.64
N LEU B 314 -25.81 -8.72 1.55
CA LEU B 314 -25.58 -8.08 0.24
C LEU B 314 -26.63 -8.38 -0.84
N GLU B 315 -27.18 -9.59 -0.84
CA GLU B 315 -28.17 -9.94 -1.85
C GLU B 315 -29.48 -9.18 -1.73
N THR B 316 -29.53 -8.23 -0.80
CA THR B 316 -30.71 -7.40 -0.61
C THR B 316 -30.38 -5.96 -1.00
N LEU B 317 -29.11 -5.72 -1.33
CA LEU B 317 -28.65 -4.41 -1.77
C LEU B 317 -28.76 -4.44 -3.28
N CYS B 318 -28.38 -5.57 -3.87
CA CYS B 318 -28.51 -5.65 -5.30
C CYS B 318 -29.94 -5.90 -5.70
N HIS B 319 -30.74 -5.01 -5.15
CA HIS B 319 -32.06 -4.81 -5.59
C HIS B 319 -32.72 -3.56 -5.15
N ALA B 320 -31.99 -2.74 -4.44
CA ALA B 320 -32.55 -1.44 -4.13
C ALA B 320 -31.69 -0.48 -4.94
N GLY B 321 -30.70 -1.01 -5.66
CA GLY B 321 -29.84 -0.14 -6.44
C GLY B 321 -28.95 0.63 -5.50
N ILE B 322 -28.59 -0.03 -4.41
CA ILE B 322 -27.69 0.57 -3.43
C ILE B 322 -26.35 0.00 -3.85
N PRO B 323 -25.46 0.84 -4.40
CA PRO B 323 -24.17 0.31 -4.81
C PRO B 323 -23.50 -0.31 -3.60
N PHE B 324 -22.69 -1.33 -3.82
CA PHE B 324 -22.01 -1.98 -2.72
C PHE B 324 -20.67 -2.58 -3.15
N SER B 325 -19.83 -2.94 -2.20
CA SER B 325 -18.55 -3.53 -2.52
C SER B 325 -18.03 -4.39 -1.36
N VAL B 326 -16.99 -5.17 -1.62
CA VAL B 326 -16.41 -6.03 -0.59
C VAL B 326 -14.89 -5.91 -0.49
N VAL B 327 -14.39 -5.76 0.73
CA VAL B 327 -12.97 -5.65 0.96
C VAL B 327 -12.61 -6.88 1.81
N PRO B 328 -12.03 -7.91 1.17
CA PRO B 328 -11.69 -9.09 1.97
C PRO B 328 -10.74 -8.76 3.12
N GLY B 329 -10.67 -9.68 4.07
CA GLY B 329 -9.81 -9.52 5.23
C GLY B 329 -9.12 -10.82 5.58
N ILE B 330 -8.06 -10.73 6.39
CA ILE B 330 -7.32 -11.90 6.81
C ILE B 330 -8.23 -12.77 7.67
N THR B 331 -8.53 -13.98 7.20
CA THR B 331 -9.40 -14.86 7.95
C THR B 331 -8.62 -15.46 9.11
N ALA B 332 -9.33 -15.87 10.15
CA ALA B 332 -8.71 -16.45 11.34
C ALA B 332 -7.78 -17.61 11.02
N ALA B 333 -8.14 -18.40 10.00
CA ALA B 333 -7.29 -19.53 9.63
C ALA B 333 -5.90 -19.02 9.24
N SER B 334 -5.86 -17.95 8.45
CA SER B 334 -4.60 -17.37 7.97
C SER B 334 -3.85 -16.62 9.08
N GLY B 335 -4.56 -15.82 9.85
CA GLY B 335 -3.94 -15.08 10.92
C GLY B 335 -3.26 -16.00 11.93
N CYS B 336 -4.05 -16.92 12.48
CA CYS B 336 -3.57 -17.86 13.49
C CYS B 336 -2.44 -18.74 12.93
N SER B 337 -2.57 -19.13 11.67
CA SER B 337 -1.56 -19.97 11.04
C SER B 337 -0.20 -19.31 11.08
N ALA B 338 -0.18 -18.06 10.61
CA ALA B 338 1.04 -17.27 10.56
C ALA B 338 1.60 -16.92 11.94
N TYR B 339 0.73 -16.61 12.90
CA TYR B 339 1.16 -16.23 14.24
C TYR B 339 1.45 -17.35 15.23
N SER B 340 1.12 -18.58 14.87
CA SER B 340 1.38 -19.70 15.76
C SER B 340 2.56 -20.54 15.26
N GLY B 341 3.02 -20.25 14.04
CA GLY B 341 4.11 -21.01 13.47
C GLY B 341 3.65 -22.33 12.90
N ILE B 342 2.38 -22.41 12.56
CA ILE B 342 1.79 -23.61 11.98
C ILE B 342 1.37 -23.39 10.53
N PRO B 343 2.22 -23.74 9.57
CA PRO B 343 1.79 -23.51 8.18
C PRO B 343 0.60 -24.41 7.85
N LEU B 344 -0.36 -23.89 7.10
CA LEU B 344 -1.51 -24.69 6.75
C LEU B 344 -1.08 -25.70 5.68
N THR B 345 0.03 -25.39 5.02
CA THR B 345 0.56 -26.27 3.98
C THR B 345 2.10 -26.31 4.03
N HIS B 346 2.67 -27.52 3.93
CA HIS B 346 4.13 -27.71 3.92
C HIS B 346 4.43 -28.94 3.06
N ARG B 347 5.65 -28.98 2.51
CA ARG B 347 6.08 -30.02 1.58
C ARG B 347 5.45 -31.41 1.44
N ASP B 348 5.28 -32.17 2.51
CA ASP B 348 4.68 -33.51 2.33
C ASP B 348 3.36 -33.61 3.08
N TYR B 349 3.46 -33.19 4.33
CA TYR B 349 2.40 -33.17 5.32
C TYR B 349 0.99 -33.06 4.77
N ALA B 350 0.77 -32.17 3.80
CA ALA B 350 -0.57 -32.01 3.23
C ALA B 350 -0.66 -30.99 2.11
N GLN B 351 -1.70 -31.12 1.29
CA GLN B 351 -1.96 -30.16 0.23
C GLN B 351 -3.43 -30.11 -0.21
N SER B 352 -4.25 -30.15 0.83
CA SER B 352 -5.69 -30.04 0.79
C SER B 352 -5.91 -29.44 2.18
N VAL B 353 -6.40 -28.21 2.23
CA VAL B 353 -6.67 -27.53 3.48
C VAL B 353 -8.17 -27.40 3.65
N ARG B 354 -8.69 -27.67 4.84
CA ARG B 354 -10.13 -27.58 5.02
C ARG B 354 -10.61 -26.64 6.12
N LEU B 355 -11.46 -25.70 5.73
CA LEU B 355 -12.03 -24.75 6.68
C LEU B 355 -13.43 -25.29 6.97
N VAL B 356 -13.63 -25.75 8.20
CA VAL B 356 -14.89 -26.36 8.62
C VAL B 356 -15.60 -25.66 9.78
N THR B 357 -16.94 -25.65 9.73
CA THR B 357 -17.74 -25.05 10.78
C THR B 357 -17.83 -26.03 11.93
N GLY B 358 -17.93 -25.52 13.15
CA GLY B 358 -18.02 -26.37 14.31
C GLY B 358 -19.41 -26.71 14.82
N HIS B 359 -19.99 -25.80 15.62
CA HIS B 359 -21.31 -26.04 16.21
C HIS B 359 -22.24 -24.81 16.19
N GLY B 363 -28.98 -28.13 12.63
CA GLY B 363 -29.31 -27.90 11.17
C GLY B 363 -28.99 -29.07 10.25
N GLY B 364 -27.92 -29.82 10.54
CA GLY B 364 -27.51 -30.95 9.71
C GLY B 364 -26.02 -31.22 9.92
N GLU B 365 -25.68 -32.20 10.77
CA GLU B 365 -24.28 -32.41 11.17
C GLU B 365 -23.19 -33.38 10.63
N LEU B 366 -21.97 -32.90 10.91
CA LEU B 366 -20.63 -33.38 10.58
C LEU B 366 -20.07 -34.71 10.07
N ASP B 367 -19.77 -34.59 8.78
CA ASP B 367 -19.17 -35.52 7.85
C ASP B 367 -17.82 -36.03 8.35
N TRP B 368 -17.83 -37.08 9.18
CA TRP B 368 -16.61 -37.58 9.75
C TRP B 368 -15.49 -38.15 8.91
N GLU B 369 -15.71 -39.14 8.06
CA GLU B 369 -14.55 -39.62 7.32
C GLU B 369 -14.17 -38.84 6.08
N ASN B 370 -14.78 -37.67 5.89
CA ASN B 370 -14.40 -36.82 4.78
C ASN B 370 -13.26 -36.11 5.55
N LEU B 371 -13.51 -35.95 6.85
CA LEU B 371 -12.61 -35.28 7.79
C LEU B 371 -11.43 -36.11 8.32
N ALA B 372 -11.68 -37.34 8.74
CA ALA B 372 -10.65 -38.20 9.28
C ALA B 372 -9.65 -38.73 8.26
N ALA B 373 -9.81 -38.33 7.00
CA ALA B 373 -8.94 -38.81 5.93
C ALA B 373 -7.67 -38.02 5.74
N GLU B 374 -6.70 -38.58 5.01
CA GLU B 374 -5.51 -37.78 4.87
C GLU B 374 -4.29 -37.85 4.04
N LYS B 375 -4.01 -36.57 3.88
CA LYS B 375 -2.85 -35.91 3.37
C LYS B 375 -3.43 -34.50 3.50
N GLN B 376 -4.41 -34.30 4.42
CA GLN B 376 -5.07 -32.98 4.64
C GLN B 376 -4.94 -32.24 6.01
N THR B 377 -5.02 -30.89 6.02
CA THR B 377 -4.95 -30.10 7.27
C THR B 377 -6.36 -29.60 7.65
N LEU B 378 -6.82 -29.91 8.86
CA LEU B 378 -8.15 -29.47 9.29
C LEU B 378 -8.15 -28.24 10.20
N VAL B 379 -9.01 -27.26 9.89
CA VAL B 379 -9.13 -26.06 10.70
C VAL B 379 -10.59 -25.86 11.07
N PHE B 380 -10.90 -25.97 12.36
CA PHE B 380 -12.28 -25.80 12.82
C PHE B 380 -12.61 -24.41 13.36
N TYR B 381 -13.69 -23.82 12.84
CA TYR B 381 -14.15 -22.53 13.30
C TYR B 381 -15.36 -22.85 14.18
N MET B 382 -15.45 -22.19 15.34
CA MET B 382 -16.58 -22.38 16.27
C MET B 382 -16.71 -23.82 16.74
N GLY B 383 -15.63 -24.42 17.20
CA GLY B 383 -15.70 -25.81 17.65
C GLY B 383 -15.19 -26.14 19.03
N LEU B 384 -15.13 -25.18 19.96
CA LEU B 384 -14.62 -25.47 21.31
C LEU B 384 -15.59 -26.22 22.21
N ASN B 385 -16.89 -26.08 21.97
CA ASN B 385 -17.90 -26.78 22.78
C ASN B 385 -18.23 -28.10 22.12
N GLN B 386 -17.42 -28.47 21.14
CA GLN B 386 -17.59 -29.72 20.42
C GLN B 386 -16.24 -30.39 20.23
N ALA B 387 -15.26 -29.95 21.03
CA ALA B 387 -13.90 -30.48 20.96
C ALA B 387 -13.78 -31.96 21.29
N ALA B 388 -14.38 -32.39 22.39
CA ALA B 388 -14.32 -33.78 22.81
C ALA B 388 -15.11 -34.64 21.85
N THR B 389 -16.26 -34.12 21.42
CA THR B 389 -17.13 -34.81 20.50
C THR B 389 -16.51 -34.89 19.11
N ILE B 390 -15.41 -34.16 18.92
CA ILE B 390 -14.69 -34.16 17.65
C ILE B 390 -13.53 -35.15 17.76
N GLN B 391 -13.01 -35.24 18.97
CA GLN B 391 -11.90 -36.14 19.28
C GLN B 391 -12.35 -37.58 19.08
N GLU B 392 -13.45 -37.93 19.74
CA GLU B 392 -14.01 -39.28 19.67
C GLU B 392 -14.47 -39.65 18.26
N LYS B 393 -15.09 -38.70 17.56
CA LYS B 393 -15.59 -39.00 16.22
C LYS B 393 -14.52 -38.90 15.11
N LEU B 394 -13.27 -38.67 15.48
CA LEU B 394 -12.19 -38.57 14.50
C LEU B 394 -11.28 -39.80 14.63
N ILE B 395 -11.05 -40.25 15.87
CA ILE B 395 -10.22 -41.43 16.08
C ILE B 395 -11.03 -42.68 15.73
N ALA B 396 -12.35 -42.57 15.85
CA ALA B 396 -13.25 -43.68 15.54
C ALA B 396 -13.19 -43.96 14.05
N PHE B 397 -13.20 -42.91 13.24
CA PHE B 397 -13.18 -43.09 11.80
C PHE B 397 -11.81 -43.25 11.19
N GLY B 398 -10.84 -43.66 11.99
CA GLY B 398 -9.51 -43.90 11.46
C GLY B 398 -8.35 -42.99 11.80
N MET B 399 -8.60 -41.71 12.07
CA MET B 399 -7.48 -40.82 12.37
C MET B 399 -6.62 -41.32 13.51
N GLN B 400 -5.32 -41.25 13.30
CA GLN B 400 -4.33 -41.69 14.27
C GLN B 400 -4.35 -40.88 15.56
N ALA B 401 -4.22 -41.60 16.67
CA ALA B 401 -4.21 -41.00 17.99
C ALA B 401 -3.00 -40.10 18.21
N ASP B 402 -1.90 -40.37 17.52
CA ASP B 402 -0.72 -39.55 17.69
C ASP B 402 -0.65 -38.36 16.73
N MET B 403 -1.76 -38.11 16.05
CA MET B 403 -1.86 -36.99 15.10
C MET B 403 -1.82 -35.66 15.82
N PRO B 404 -0.83 -34.80 15.50
CA PRO B 404 -0.71 -33.49 16.15
C PRO B 404 -1.89 -32.53 15.96
N VAL B 405 -2.18 -31.80 17.03
CA VAL B 405 -3.29 -30.86 17.07
C VAL B 405 -2.86 -29.63 17.85
N ALA B 406 -3.56 -28.53 17.66
CA ALA B 406 -3.26 -27.30 18.37
C ALA B 406 -4.49 -26.43 18.40
N LEU B 407 -4.56 -25.59 19.44
CA LEU B 407 -5.66 -24.66 19.62
C LEU B 407 -5.08 -23.24 19.71
N VAL B 408 -5.65 -22.33 18.93
CA VAL B 408 -5.20 -20.94 18.90
C VAL B 408 -6.30 -20.00 19.33
N GLU B 409 -6.10 -19.35 20.48
CA GLU B 409 -7.08 -18.41 21.04
C GLU B 409 -6.64 -16.97 20.81
N ASN B 410 -7.60 -16.14 20.41
CA ASN B 410 -7.33 -14.73 20.17
C ASN B 410 -6.13 -14.57 19.24
N GLY B 411 -6.09 -15.38 18.19
CA GLY B 411 -4.99 -15.32 17.24
C GLY B 411 -4.63 -13.92 16.75
N THR B 412 -3.33 -13.67 16.63
CA THR B 412 -2.77 -12.40 16.18
C THR B 412 -2.87 -11.24 17.16
N SER B 413 -3.49 -11.48 18.30
CA SER B 413 -3.62 -10.42 19.30
C SER B 413 -2.51 -10.51 20.35
N VAL B 414 -2.31 -9.42 21.10
CA VAL B 414 -1.31 -9.40 22.16
C VAL B 414 -1.61 -10.40 23.29
N LYS B 415 -2.74 -11.08 23.24
CA LYS B 415 -3.00 -12.07 24.26
C LYS B 415 -3.16 -13.48 23.67
N GLN B 416 -2.69 -13.63 22.45
CA GLN B 416 -2.77 -14.90 21.75
C GLN B 416 -2.27 -16.10 22.54
N ARG B 417 -3.14 -17.09 22.74
CA ARG B 417 -2.73 -18.28 23.44
C ARG B 417 -2.72 -19.46 22.48
N VAL B 418 -1.61 -20.19 22.51
CA VAL B 418 -1.46 -21.37 21.67
C VAL B 418 -1.19 -22.58 22.57
N VAL B 419 -1.97 -23.64 22.39
CA VAL B 419 -1.78 -24.87 23.15
C VAL B 419 -1.79 -26.03 22.15
N HIS B 420 -0.99 -27.06 22.40
CA HIS B 420 -0.94 -28.17 21.46
C HIS B 420 -0.60 -29.50 22.11
N GLY B 421 -0.63 -30.53 21.27
CA GLY B 421 -0.33 -31.89 21.72
C GLY B 421 -0.71 -32.88 20.65
N VAL B 422 -1.39 -33.95 21.05
CA VAL B 422 -1.84 -34.99 20.13
C VAL B 422 -3.35 -35.11 20.23
N LEU B 423 -3.97 -35.61 19.16
CA LEU B 423 -5.42 -35.76 19.08
C LEU B 423 -6.12 -36.35 20.30
N THR B 424 -5.50 -37.34 20.95
CA THR B 424 -6.14 -37.95 22.11
C THR B 424 -6.17 -37.01 23.32
N GLN B 425 -5.82 -35.75 23.07
CA GLN B 425 -5.79 -34.73 24.11
C GLN B 425 -6.63 -33.51 23.72
N LEU B 426 -7.25 -33.56 22.56
CA LEU B 426 -8.06 -32.44 22.06
C LEU B 426 -9.05 -31.85 23.06
N GLY B 427 -10.10 -32.58 23.38
CA GLY B 427 -11.10 -32.06 24.32
C GLY B 427 -10.48 -31.54 25.60
N GLU B 428 -9.34 -32.11 25.95
CA GLU B 428 -8.62 -31.74 27.16
C GLU B 428 -7.88 -30.41 27.05
N LEU B 429 -7.29 -30.17 25.88
CA LEU B 429 -6.56 -28.94 25.62
C LEU B 429 -7.57 -27.82 25.36
N ALA B 430 -8.78 -28.20 24.99
CA ALA B 430 -9.82 -27.21 24.69
C ALA B 430 -10.37 -26.55 25.95
N GLN B 431 -10.35 -27.27 27.06
CA GLN B 431 -10.87 -26.72 28.32
C GLN B 431 -9.77 -25.89 28.96
N GLN B 432 -8.82 -25.47 28.13
CA GLN B 432 -7.66 -24.71 28.55
C GLN B 432 -7.69 -23.40 27.74
N VAL B 433 -8.76 -23.22 26.98
CA VAL B 433 -8.93 -22.05 26.12
C VAL B 433 -10.36 -21.56 26.13
N GLU B 434 -10.56 -20.33 25.67
CA GLU B 434 -11.90 -19.75 25.61
C GLU B 434 -12.11 -19.16 24.22
N SER B 435 -13.35 -18.80 23.91
CA SER B 435 -13.67 -18.20 22.62
C SER B 435 -13.09 -16.79 22.55
N PRO B 436 -12.64 -16.36 21.36
CA PRO B 436 -12.61 -17.07 20.07
C PRO B 436 -11.35 -17.89 19.86
N ALA B 437 -11.51 -19.10 19.36
CA ALA B 437 -10.39 -19.98 19.10
C ALA B 437 -10.66 -20.89 17.91
N LEU B 438 -9.59 -21.38 17.30
CA LEU B 438 -9.70 -22.30 16.17
C LEU B 438 -8.99 -23.57 16.59
N ILE B 439 -9.37 -24.68 15.96
CA ILE B 439 -8.74 -25.96 16.21
C ILE B 439 -8.01 -26.35 14.93
N ILE B 440 -6.77 -26.79 15.05
CA ILE B 440 -6.01 -27.21 13.88
C ILE B 440 -5.54 -28.64 14.04
N VAL B 441 -6.10 -29.54 13.23
CA VAL B 441 -5.73 -30.95 13.26
C VAL B 441 -4.88 -31.26 12.03
N GLY B 442 -3.68 -31.77 12.24
CA GLY B 442 -2.82 -32.08 11.12
C GLY B 442 -1.34 -32.19 11.45
N ARG B 443 -0.61 -32.89 10.59
CA ARG B 443 0.82 -33.06 10.79
C ARG B 443 1.60 -31.76 10.73
N VAL B 444 1.03 -30.70 10.13
CA VAL B 444 1.72 -29.42 10.05
C VAL B 444 1.97 -28.81 11.43
N VAL B 445 1.18 -29.22 12.41
CA VAL B 445 1.28 -28.73 13.78
C VAL B 445 2.66 -28.94 14.41
N ALA B 446 3.42 -29.92 13.94
CA ALA B 446 4.75 -30.20 14.48
C ALA B 446 5.78 -29.18 14.01
N LEU B 447 5.48 -28.50 12.91
CA LEU B 447 6.40 -27.51 12.37
C LEU B 447 6.63 -26.34 13.32
N ARG B 448 5.72 -26.18 14.28
CA ARG B 448 5.79 -25.08 15.23
C ARG B 448 7.07 -25.02 16.08
N ASP B 449 7.78 -26.14 16.19
CA ASP B 449 9.02 -26.13 16.97
C ASP B 449 10.13 -25.42 16.22
N LYS B 450 9.99 -25.37 14.91
CA LYS B 450 10.99 -24.71 14.08
C LYS B 450 10.51 -23.31 13.70
N LEU B 451 9.20 -23.11 13.66
CA LEU B 451 8.66 -21.84 13.20
C LEU B 451 8.04 -20.84 14.17
N ASN B 452 7.83 -21.24 15.43
CA ASN B 452 7.26 -20.34 16.42
C ASN B 452 8.09 -19.06 16.50
N TRP B 453 7.44 -17.91 16.47
CA TRP B 453 8.16 -16.63 16.54
C TRP B 453 7.48 -15.58 17.39
N PHE B 454 6.18 -15.77 17.62
CA PHE B 454 5.35 -14.84 18.38
C PHE B 454 5.20 -15.23 19.84
N SER B 455 5.11 -14.25 20.73
CA SER B 455 4.98 -14.53 22.15
C SER B 455 3.67 -15.26 22.47
N ASN B 456 3.70 -16.15 23.46
CA ASN B 456 2.52 -16.92 23.86
C ASN B 456 2.00 -16.48 25.23
N HIS B 457 0.72 -16.63 25.48
CA HIS B 457 0.15 -16.20 26.77
C HIS B 457 -0.83 -17.21 27.35
N SAH C . 0.14 -18.39 -1.62
CA SAH C . -0.84 -18.00 -2.65
CB SAH C . -0.97 -19.13 -3.68
CG SAH C . 0.35 -19.37 -4.42
SD SAH C . 0.33 -20.86 -5.51
C SAH C . -2.21 -17.72 -1.99
O SAH C . -2.29 -17.88 -0.76
OXT SAH C . -3.14 -17.37 -2.75
C5' SAH C . -0.02 -20.11 -7.14
C4' SAH C . -1.51 -20.14 -7.49
O4' SAH C . -2.32 -19.21 -6.71
C3' SAH C . -1.80 -19.76 -8.93
O3' SAH C . -1.55 -20.88 -9.77
C2' SAH C . -3.26 -19.49 -8.90
O2' SAH C . -3.99 -20.72 -8.94
C1' SAH C . -3.48 -18.79 -7.54
N9 SAH C . -3.46 -17.31 -7.72
C8 SAH C . -2.55 -16.44 -7.23
N7 SAH C . -2.91 -15.19 -7.58
C5 SAH C . -4.04 -15.27 -8.28
C6 SAH C . -4.87 -14.34 -8.89
N6 SAH C . -4.58 -13.03 -8.82
N1 SAH C . -5.98 -14.75 -9.54
C2 SAH C . -6.29 -16.05 -9.62
N3 SAH C . -5.51 -16.96 -9.04
C4 SAH C . -4.39 -16.61 -8.37
PA NAD D . -2.01 40.69 -10.09
O1A NAD D . -2.71 41.32 -8.97
O2A NAD D . -0.97 39.74 -9.77
O5B NAD D . -1.45 41.93 -11.07
C5B NAD D . -0.69 41.75 -12.24
C4B NAD D . 0.79 42.34 -12.22
O4B NAD D . 1.54 42.16 -13.48
C3B NAD D . 0.93 43.82 -11.87
O3B NAD D . 1.40 43.90 -10.52
C2B NAD D . 2.00 44.40 -12.82
O2B NAD D . 3.05 44.99 -12.05
C1B NAD D . 2.56 43.19 -13.58
N9A NAD D . 2.75 43.38 -15.08
C8A NAD D . 1.77 43.16 -15.96
N7A NAD D . 2.26 43.14 -17.19
C5A NAD D . 3.56 43.35 -17.13
C6A NAD D . 4.54 43.43 -18.12
N6A NAD D . 4.24 43.17 -19.38
N1A NAD D . 5.82 43.70 -17.75
C2A NAD D . 6.14 43.88 -16.47
N3A NAD D . 5.20 43.80 -15.50
C4A NAD D . 3.90 43.54 -15.80
O3 NAD D . -3.19 39.90 -10.83
PN NAD D . -3.10 39.22 -12.05
O1N NAD D . -1.75 38.71 -12.30
O2N NAD D . -4.00 38.10 -12.13
O5D NAD D . -3.56 40.20 -13.00
C5D NAD D . -4.74 40.80 -12.70
C4D NAD D . -5.22 41.98 -13.59
O4D NAD D . -5.03 43.23 -12.83
C3D NAD D . -6.78 41.92 -13.77
O3D NAD D . -7.00 42.53 -15.07
C2D NAD D . -7.35 42.88 -12.74
O2D NAD D . -8.57 43.43 -13.24
C1D NAD D . -6.29 43.96 -12.72
N1N NAD D . -6.17 44.92 -11.31
C2N NAD D . -5.00 45.52 -11.12
C3N NAD D . -4.72 46.34 -10.05
C7N NAD D . -3.43 46.89 -9.98
O7N NAD D . -2.58 46.70 -11.03
N7N NAD D . -3.04 47.57 -8.91
C4N NAD D . -5.71 46.58 -9.09
C5N NAD D . -6.97 45.95 -9.26
C6N NAD D . -7.17 45.12 -10.39
C1 PGE E . -9.32 11.19 4.56
O1 PGE E . -10.05 10.59 5.62
C2 PGE E . -8.47 10.12 3.86
O2 PGE E . -7.71 10.67 2.76
C3 PGE E . -8.48 10.60 1.54
C4 PGE E . -8.21 11.51 0.51
O4 PGE E . -10.56 14.48 0.01
C6 PGE E . -9.89 14.07 -0.94
C5 PGE E . -8.86 13.17 -0.72
O3 PGE E . -9.14 11.86 -0.22
C1 PGE F . 1.48 11.03 14.19
O1 PGE F . 0.59 11.65 15.12
C2 PGE F . 1.25 11.63 12.79
O2 PGE F . 2.16 11.06 11.82
C3 PGE F . 3.45 11.70 11.90
C4 PGE F . 4.61 11.01 11.52
O4 PGE F . 6.73 10.88 13.61
C6 PGE F . 6.45 9.70 13.38
C5 PGE F . 5.18 9.34 12.91
O3 PGE F . 4.68 9.79 11.61
P PO4 G . 11.68 5.82 -0.24
O1 PO4 G . 11.70 7.14 -0.92
O2 PO4 G . 11.01 5.96 1.08
O3 PO4 G . 13.09 5.40 -0.01
O4 PO4 G . 11.02 4.80 -1.09
N SAH H . -15.40 -14.53 9.23
CA SAH H . -14.43 -14.84 10.29
CB SAH H . -14.90 -16.06 11.09
CG SAH H . -16.25 -15.81 11.78
SD SAH H . -16.92 -17.29 12.62
C SAH H . -13.05 -15.12 9.67
O SAH H . -12.97 -15.04 8.42
OXT SAH H . -12.13 -15.42 10.44
C5' SAH H . -16.25 -17.11 14.32
C4' SAH H . -15.03 -18.01 14.60
O4' SAH H . -13.81 -17.57 13.95
C3' SAH H . -14.67 -18.06 16.08
O3' SAH H . -15.50 -19.02 16.74
C2' SAH H . -13.26 -18.57 16.07
O2' SAH H . -13.27 -20.00 15.97
C1' SAH H . -12.65 -17.96 14.80
N9 SAH H . -11.85 -16.76 15.18
C8 SAH H . -12.16 -15.48 14.92
N7 SAH H . -11.19 -14.69 15.39
C5 SAH H . -10.25 -15.47 15.95
C6 SAH H . -9.04 -15.23 16.58
N6 SAH H . -8.57 -14.00 16.72
N1 SAH H . -8.32 -16.28 17.06
C2 SAH H . -8.75 -17.54 16.91
N3 SAH H . -9.91 -17.79 16.30
C4 SAH H . -10.68 -16.78 15.81
PA NAD I . 28.12 0.37 -7.11
O1A NAD I . 29.10 0.47 -5.96
O2A NAD I . 27.99 -0.88 -7.80
O5B NAD I . 28.50 1.41 -8.31
C5B NAD I . 28.98 2.84 -8.08
C4B NAD I . 29.23 3.45 -9.50
O4B NAD I . 30.26 4.44 -9.35
C3B NAD I . 29.79 2.40 -10.58
O3B NAD I . 28.88 2.39 -11.70
C2B NAD I . 31.12 2.98 -11.06
O2B NAD I . 31.11 3.10 -12.50
C1B NAD I . 31.13 4.37 -10.48
N9A NAD I . 32.47 5.02 -10.39
C8A NAD I . 33.41 4.89 -9.43
N7A NAD I . 34.44 5.70 -9.73
C5A NAD I . 34.15 6.30 -10.89
C6A NAD I . 34.76 7.28 -11.67
N6A NAD I . 35.97 7.74 -11.36
N1A NAD I . 34.15 7.71 -12.81
C2A NAD I . 32.92 7.27 -13.14
N3A NAD I . 32.31 6.35 -12.39
C4A NAD I . 32.88 5.92 -11.25
O3 NAD I . 26.63 0.85 -6.55
PN NAD I . 26.48 1.95 -5.65
O1N NAD I . 27.42 2.99 -5.95
O2N NAD I . 25.14 2.47 -5.87
O5D NAD I . 26.61 1.45 -4.36
C5D NAD I . 25.82 0.32 -4.25
C4D NAD I . 25.52 0.04 -2.74
O4D NAD I . 26.03 1.08 -1.93
C3D NAD I . 24.04 0.24 -2.83
O3D NAD I . 23.36 -0.97 -3.13
C2D NAD I . 23.61 0.92 -1.67
O2D NAD I . 23.19 0.01 -0.68
C1D NAD I . 24.94 1.40 -1.13
N1N NAD I . 24.94 2.87 -0.93
C2N NAD I . 25.88 3.66 -1.50
C3N NAD I . 25.94 4.96 -1.18
C7N NAD I . 26.93 5.79 -1.72
O7N NAD I . 27.98 5.28 -2.42
N7N NAD I . 26.85 7.09 -1.50
C4N NAD I . 24.87 5.49 -0.45
C5N NAD I . 23.89 4.68 0.08
C6N NAD I . 23.91 3.40 -0.27
#